data_7KD0
#
_entry.id   7KD0
#
_cell.length_a   76.223
_cell.length_b   100.817
_cell.length_c   129.712
_cell.angle_alpha   90.000
_cell.angle_beta   90.000
_cell.angle_gamma   90.000
#
_symmetry.space_group_name_H-M   'P 21 21 21'
#
loop_
_entity.id
_entity.type
_entity.pdbx_description
1 polymer 'Ricin chain A'
2 polymer 'Ricin chain B'
3 polymer 'Anti-RON nanobody'
4 branched alpha-L-fucopyranose-(1-3)-[2-acetamido-2-deoxy-beta-D-glucopyranose-(1-4)]2-acetamido-2-deoxy-beta-D-glucopyranose
5 branched beta-D-mannopyranose-(1-4)-2-acetamido-2-deoxy-beta-D-glucopyranose-(1-4)-2-acetamido-2-deoxy-beta-D-glucopyranose
6 non-polymer beta-D-galactopyranose
7 non-polymer 1,2-ETHANEDIOL
8 non-polymer 'ZINC ION'
9 non-polymer 'CHLORIDE ION'
10 water water
#
loop_
_entity_poly.entity_id
_entity_poly.type
_entity_poly.pdbx_seq_one_letter_code
_entity_poly.pdbx_strand_id
1 'polypeptide(L)'
;IFPKQYPIINFTTAGATVQSYTNFIRAVRGRLTTGADVRHEIPVLPNRVGLPINQRFILVELSNHAELSVTLALDVTNAY
VVGYRAGNSAYFFHPDNQEDAEAITHLFTDVQNRYTFAFGGNYDRLEQLAGNLRENIELGNGPLEEAISALYYYSTGGTQ
LPTLARSFIICIQMISEAARFQYIEGEMRTRIRYNRRSAPDPSVITLENSWGRLSTAIQESNQGAFASPIQLQRRNGSKF
SVYDVSILIPIIALMVYRCAPPPSSQF
;
A
2 'polypeptide(L)'
;ADVCMDPEPIVRIVGRNGLCVDVRDGRFHNGNAIQLWPCKSNTDANQLWTLKRDNTIRSNGKCLTTYGYSPGVYVMIYDC
NTAATDATRWQIWDNGTIINPRSSLVLAATSGNSGTTLTVQTNIYAVSQGWLPTNNTQPFVTTIVGLYGLCLQANSGQVW
IEDCSSEKAEQQWALYADGSIRPQQNRDNCLTSDSNIRETVVKILSCGPASSGQRWMFKNDGTILNLYSGLVLDVRASDP
SLKQIILYPLHGDPNQIWLPLF
;
B
3 'polypeptide(L)'
;AQVQLVESGGGLVQPGGSLRLSCVASGFTFSSTPMNWFRQAPGKEREFVAGVGSRNDIAYYADSVKGRFTVSRDDAKNTV
YLQMNSLKPEDTGVYYCKRPAGRIEDELWGQGTQVTVSSEPKTPKPQ
;
C
#
loop_
_chem_comp.id
_chem_comp.type
_chem_comp.name
_chem_comp.formula
BMA D-saccharide, beta linking beta-D-mannopyranose 'C6 H12 O6'
CL non-polymer 'CHLORIDE ION' 'Cl -1'
EDO non-polymer 1,2-ETHANEDIOL 'C2 H6 O2'
FUC L-saccharide, alpha linking alpha-L-fucopyranose 'C6 H12 O5'
GAL D-saccharide, beta linking beta-D-galactopyranose 'C6 H12 O6'
NAG D-saccharide, beta linking 2-acetamido-2-deoxy-beta-D-glucopyranose 'C8 H15 N O6'
ZN non-polymer 'ZINC ION' 'Zn 2'
#
# COMPACT_ATOMS: atom_id res chain seq x y z
N GLN A 5 -32.87 -4.79 -1.76
CA GLN A 5 -32.06 -4.66 -0.55
C GLN A 5 -30.75 -3.93 -0.86
N TYR A 6 -29.95 -3.69 0.17
CA TYR A 6 -28.66 -3.05 0.01
C TYR A 6 -27.68 -4.01 -0.67
N PRO A 7 -26.55 -3.50 -1.18
CA PRO A 7 -25.55 -4.41 -1.75
C PRO A 7 -25.02 -5.38 -0.70
N ILE A 8 -24.74 -6.60 -1.14
CA ILE A 8 -24.30 -7.69 -0.27
C ILE A 8 -22.93 -8.17 -0.72
N ILE A 9 -21.99 -8.23 0.22
CA ILE A 9 -20.66 -8.79 -0.02
C ILE A 9 -20.54 -10.08 0.78
N ASN A 10 -19.96 -11.10 0.16
CA ASN A 10 -19.95 -12.44 0.73
C ASN A 10 -18.51 -12.88 1.04
N PHE A 11 -18.35 -13.56 2.17
CA PHE A 11 -17.07 -14.14 2.54
C PHE A 11 -17.31 -15.42 3.32
N THR A 12 -16.40 -16.38 3.12
CA THR A 12 -16.46 -17.67 3.79
C THR A 12 -15.11 -17.95 4.44
N THR A 13 -15.15 -18.54 5.64
CA THR A 13 -13.94 -19.03 6.27
C THR A 13 -13.60 -20.45 5.87
N ALA A 14 -14.57 -21.20 5.34
CA ALA A 14 -14.32 -22.56 4.86
C ALA A 14 -13.43 -22.50 3.63
N GLY A 15 -12.21 -23.04 3.74
CA GLY A 15 -11.26 -22.93 2.65
C GLY A 15 -10.85 -21.50 2.35
N ALA A 16 -10.79 -20.65 3.37
CA ALA A 16 -10.40 -19.26 3.17
C ALA A 16 -8.96 -19.18 2.66
N THR A 17 -8.64 -18.03 2.07
CA THR A 17 -7.43 -17.91 1.26
C THR A 17 -6.99 -16.45 1.26
N VAL A 18 -5.67 -16.24 1.18
CA VAL A 18 -5.13 -14.89 1.06
C VAL A 18 -5.81 -14.14 -0.08
N GLN A 19 -5.95 -14.79 -1.23
CA GLN A 19 -6.65 -14.15 -2.36
C GLN A 19 -8.12 -13.92 -2.05
N SER A 20 -8.80 -14.92 -1.47
CA SER A 20 -10.23 -14.78 -1.21
C SER A 20 -10.50 -13.66 -0.21
N TYR A 21 -9.71 -13.59 0.86
CA TYR A 21 -9.87 -12.53 1.84
C TYR A 21 -9.56 -11.17 1.23
N THR A 22 -8.51 -11.08 0.41
CA THR A 22 -8.19 -9.82 -0.27
C THR A 22 -9.34 -9.40 -1.18
N ASN A 23 -9.78 -10.28 -2.09
CA ASN A 23 -10.90 -9.96 -2.96
C ASN A 23 -12.14 -9.56 -2.17
N PHE A 24 -12.34 -10.14 -0.99
CA PHE A 24 -13.47 -9.76 -0.15
C PHE A 24 -13.33 -8.33 0.33
N ILE A 25 -12.16 -7.97 0.87
CA ILE A 25 -11.97 -6.62 1.40
C ILE A 25 -12.00 -5.59 0.27
N ARG A 26 -11.40 -5.93 -0.88
CA ARG A 26 -11.46 -5.02 -2.04
C ARG A 26 -12.90 -4.76 -2.45
N ALA A 27 -13.72 -5.83 -2.51
CA ALA A 27 -15.12 -5.67 -2.88
C ALA A 27 -15.87 -4.84 -1.85
N VAL A 28 -15.51 -4.96 -0.57
CA VAL A 28 -16.15 -4.14 0.46
C VAL A 28 -15.82 -2.66 0.25
N ARG A 29 -14.53 -2.35 0.06
CA ARG A 29 -14.15 -0.96 -0.22
C ARG A 29 -14.84 -0.42 -1.45
N GLY A 30 -15.06 -1.28 -2.47
CA GLY A 30 -15.68 -0.82 -3.70
C GLY A 30 -17.14 -0.42 -3.53
N ARG A 31 -17.82 -0.98 -2.53
CA ARG A 31 -19.20 -0.59 -2.24
C ARG A 31 -19.31 0.45 -1.14
N LEU A 32 -18.29 0.57 -0.28
CA LEU A 32 -18.32 1.59 0.76
C LEU A 32 -18.25 2.99 0.17
N THR A 33 -17.40 3.19 -0.83
CA THR A 33 -17.26 4.49 -1.48
C THR A 33 -17.01 4.29 -2.97
N THR A 34 -17.30 5.34 -3.74
CA THR A 34 -17.08 5.32 -5.17
C THR A 34 -15.66 5.71 -5.56
N GLY A 35 -14.86 6.23 -4.62
CA GLY A 35 -13.53 6.70 -4.94
C GLY A 35 -13.49 8.02 -5.68
N ALA A 36 -14.63 8.70 -5.84
CA ALA A 36 -14.65 9.97 -6.55
C ALA A 36 -14.04 11.10 -5.73
N ASP A 37 -14.14 11.02 -4.40
CA ASP A 37 -13.58 12.03 -3.51
C ASP A 37 -12.32 11.47 -2.87
N VAL A 38 -11.17 11.97 -3.28
CA VAL A 38 -9.87 11.54 -2.78
C VAL A 38 -9.10 12.76 -2.31
N ARG A 39 -8.53 12.69 -1.11
CA ARG A 39 -7.67 13.75 -0.57
C ARG A 39 -6.30 13.16 -0.28
N HIS A 40 -5.27 13.78 -0.85
CA HIS A 40 -3.88 13.37 -0.62
C HIS A 40 -3.73 11.86 -0.83
N GLU A 41 -4.26 11.39 -1.95
CA GLU A 41 -4.20 10.01 -2.43
C GLU A 41 -5.05 9.04 -1.61
N ILE A 42 -5.79 9.50 -0.61
CA ILE A 42 -6.57 8.64 0.27
C ILE A 42 -8.05 8.81 -0.09
N PRO A 43 -8.75 7.75 -0.48
CA PRO A 43 -10.19 7.87 -0.75
C PRO A 43 -10.98 8.19 0.52
N VAL A 44 -12.05 8.95 0.34
CA VAL A 44 -12.91 9.40 1.43
C VAL A 44 -14.26 8.72 1.31
N LEU A 45 -14.83 8.34 2.45
CA LEU A 45 -16.15 7.77 2.48
C LEU A 45 -17.20 8.83 2.15
N PRO A 46 -18.39 8.41 1.72
CA PRO A 46 -19.44 9.39 1.42
C PRO A 46 -19.82 10.24 2.62
N ASN A 47 -20.13 11.51 2.35
CA ASN A 47 -20.58 12.41 3.38
C ASN A 47 -21.97 12.00 3.87
N ARG A 48 -22.12 11.90 5.18
CA ARG A 48 -23.40 11.49 5.75
C ARG A 48 -24.50 12.51 5.45
N VAL A 49 -24.16 13.80 5.51
CA VAL A 49 -25.13 14.84 5.20
C VAL A 49 -25.39 14.83 3.70
N GLY A 50 -26.61 14.49 3.30
CA GLY A 50 -26.99 14.40 1.90
C GLY A 50 -27.06 12.99 1.37
N LEU A 51 -26.59 12.00 2.12
CA LEU A 51 -26.60 10.64 1.65
C LEU A 51 -28.01 10.06 1.76
N PRO A 52 -28.64 9.66 0.65
CA PRO A 52 -29.98 9.08 0.74
C PRO A 52 -29.97 7.79 1.55
N ILE A 53 -31.13 7.50 2.17
CA ILE A 53 -31.19 6.39 3.12
C ILE A 53 -31.03 5.05 2.41
N ASN A 54 -31.43 4.95 1.15
CA ASN A 54 -31.27 3.71 0.41
C ASN A 54 -29.84 3.50 -0.08
N GLN A 55 -28.90 4.34 0.35
CA GLN A 55 -27.48 4.15 0.08
C GLN A 55 -26.63 4.24 1.34
N ARG A 56 -27.27 4.14 2.51
CA ARG A 56 -26.56 4.36 3.77
C ARG A 56 -25.78 3.12 4.23
N PHE A 57 -26.23 1.93 3.86
CA PHE A 57 -25.70 0.71 4.46
C PHE A 57 -25.16 -0.26 3.41
N ILE A 58 -24.22 -1.09 3.85
CA ILE A 58 -23.65 -2.17 3.05
C ILE A 58 -23.74 -3.45 3.88
N LEU A 59 -24.18 -4.53 3.25
CA LEU A 59 -24.37 -5.80 3.94
C LEU A 59 -23.23 -6.76 3.63
N VAL A 60 -22.75 -7.45 4.66
CA VAL A 60 -21.66 -8.40 4.55
C VAL A 60 -22.15 -9.73 5.10
N GLU A 61 -22.30 -10.73 4.22
CA GLU A 61 -22.72 -12.06 4.63
C GLU A 61 -21.51 -12.94 4.90
N LEU A 62 -21.46 -13.51 6.10
CA LEU A 62 -20.35 -14.35 6.52
C LEU A 62 -20.80 -15.79 6.69
N SER A 63 -19.92 -16.73 6.37
CA SER A 63 -20.22 -18.15 6.48
C SER A 63 -18.97 -18.89 6.94
N ASN A 64 -19.17 -20.08 7.49
CA ASN A 64 -18.06 -20.87 8.02
C ASN A 64 -18.26 -22.34 7.62
N HIS A 65 -17.39 -23.21 8.17
CA HIS A 65 -17.43 -24.63 7.83
C HIS A 65 -18.76 -25.27 8.20
N ALA A 66 -19.34 -24.88 9.33
CA ALA A 66 -20.64 -25.40 9.74
C ALA A 66 -21.77 -24.91 8.86
N GLU A 67 -21.47 -24.12 7.82
CA GLU A 67 -22.47 -23.62 6.87
C GLU A 67 -23.54 -22.81 7.60
N LEU A 68 -23.13 -22.10 8.64
CA LEU A 68 -23.94 -21.08 9.27
C LEU A 68 -23.71 -19.75 8.55
N SER A 69 -24.74 -18.91 8.52
CA SER A 69 -24.66 -17.62 7.84
C SER A 69 -25.07 -16.52 8.79
N VAL A 70 -24.23 -15.48 8.86
CA VAL A 70 -24.51 -14.27 9.61
C VAL A 70 -24.23 -13.08 8.69
N THR A 71 -25.18 -12.14 8.63
CA THR A 71 -25.10 -11.01 7.73
C THR A 71 -24.88 -9.73 8.53
N LEU A 72 -23.67 -9.19 8.45
CA LEU A 72 -23.36 -7.92 9.11
C LEU A 72 -23.88 -6.76 8.28
N ALA A 73 -24.12 -5.64 8.98
CA ALA A 73 -24.54 -4.40 8.35
C ALA A 73 -23.50 -3.33 8.63
N LEU A 74 -22.91 -2.78 7.57
CA LEU A 74 -21.90 -1.73 7.69
C LEU A 74 -22.49 -0.38 7.32
N ASP A 75 -22.23 0.62 8.17
CA ASP A 75 -22.48 2.01 7.81
C ASP A 75 -21.45 2.44 6.78
N VAL A 76 -21.91 2.95 5.62
CA VAL A 76 -20.97 3.40 4.60
C VAL A 76 -20.29 4.72 4.96
N THR A 77 -20.76 5.41 6.00
CA THR A 77 -20.15 6.67 6.39
C THR A 77 -19.01 6.50 7.38
N ASN A 78 -18.79 5.28 7.90
CA ASN A 78 -17.59 5.03 8.70
C ASN A 78 -17.09 3.59 8.59
N ALA A 79 -17.66 2.78 7.70
CA ALA A 79 -17.30 1.38 7.49
C ALA A 79 -17.48 0.51 8.72
N TYR A 80 -18.20 1.00 9.74
CA TYR A 80 -18.30 0.30 11.01
C TYR A 80 -19.57 -0.55 11.05
N VAL A 81 -19.53 -1.57 11.91
CA VAL A 81 -20.67 -2.47 12.10
C VAL A 81 -21.72 -1.76 12.95
N VAL A 82 -22.96 -1.74 12.46
CA VAL A 82 -24.08 -1.20 13.22
C VAL A 82 -25.01 -2.29 13.74
N GLY A 83 -24.94 -3.50 13.18
CA GLY A 83 -25.80 -4.58 13.62
C GLY A 83 -25.61 -5.78 12.73
N TYR A 84 -26.44 -6.79 12.97
CA TYR A 84 -26.33 -8.02 12.19
C TYR A 84 -27.64 -8.79 12.25
N ARG A 85 -27.88 -9.57 11.19
CA ARG A 85 -29.00 -10.50 11.12
C ARG A 85 -28.50 -11.92 11.21
N ALA A 86 -29.26 -12.78 11.89
CA ALA A 86 -28.98 -14.21 11.95
C ALA A 86 -30.31 -14.95 11.95
N GLY A 87 -30.55 -15.73 10.90
CA GLY A 87 -31.82 -16.43 10.80
C GLY A 87 -32.96 -15.44 10.66
N ASN A 88 -33.95 -15.56 11.56
CA ASN A 88 -35.09 -14.65 11.59
C ASN A 88 -34.98 -13.60 12.68
N SER A 89 -33.75 -13.21 13.03
CA SER A 89 -33.54 -12.26 14.12
C SER A 89 -32.50 -11.24 13.73
N ALA A 90 -32.78 -9.97 14.01
CA ALA A 90 -31.85 -8.87 13.75
C ALA A 90 -31.49 -8.19 15.07
N TYR A 91 -30.22 -7.80 15.19
CA TYR A 91 -29.70 -7.19 16.41
C TYR A 91 -28.90 -5.96 16.04
N PHE A 92 -29.02 -4.91 16.86
CA PHE A 92 -28.40 -3.63 16.56
C PHE A 92 -27.75 -3.04 17.79
N PHE A 93 -26.58 -2.46 17.61
CA PHE A 93 -25.97 -1.66 18.67
C PHE A 93 -26.86 -0.47 18.99
N HIS A 94 -26.75 0.02 20.22
CA HIS A 94 -27.53 1.18 20.63
C HIS A 94 -27.11 2.39 19.79
N PRO A 95 -28.02 2.98 19.02
CA PRO A 95 -27.63 4.09 18.15
C PRO A 95 -27.27 5.34 18.94
N ASP A 96 -26.33 6.11 18.37
CA ASP A 96 -25.81 7.30 19.04
C ASP A 96 -26.74 8.49 18.96
N ASN A 97 -27.65 8.52 17.99
CA ASN A 97 -28.52 9.68 17.80
C ASN A 97 -29.87 9.21 17.27
N GLN A 98 -30.79 10.15 17.14
CA GLN A 98 -32.13 9.83 16.65
C GLN A 98 -32.11 9.51 15.15
N GLU A 99 -31.29 10.22 14.38
CA GLU A 99 -31.20 9.95 12.95
C GLU A 99 -30.72 8.52 12.70
N ASP A 100 -29.66 8.11 13.39
CA ASP A 100 -29.17 6.73 13.25
C ASP A 100 -30.20 5.72 13.72
N ALA A 101 -31.06 6.10 14.66
CA ALA A 101 -32.05 5.17 15.19
C ALA A 101 -33.11 4.82 14.15
N GLU A 102 -33.61 5.83 13.43
CA GLU A 102 -34.62 5.56 12.40
C GLU A 102 -34.00 4.91 11.18
N ALA A 103 -32.74 5.23 10.87
CA ALA A 103 -32.06 4.58 9.75
C ALA A 103 -31.92 3.08 9.97
N ILE A 104 -31.76 2.67 11.23
CA ILE A 104 -31.69 1.24 11.56
C ILE A 104 -32.93 0.51 11.05
N THR A 105 -34.10 1.13 11.20
CA THR A 105 -35.35 0.47 10.83
C THR A 105 -35.47 0.19 9.34
N HIS A 106 -34.59 0.76 8.52
CA HIS A 106 -34.55 0.43 7.10
C HIS A 106 -33.65 -0.76 6.80
N LEU A 107 -33.07 -1.39 7.82
CA LEU A 107 -32.24 -2.57 7.67
C LEU A 107 -33.01 -3.82 8.07
N PHE A 108 -32.84 -4.88 7.27
CA PHE A 108 -33.40 -6.20 7.57
C PHE A 108 -34.90 -6.13 7.85
N THR A 109 -35.62 -5.38 7.01
CA THR A 109 -37.06 -5.21 7.18
C THR A 109 -37.79 -6.54 7.09
N ASP A 110 -37.17 -7.56 6.48
CA ASP A 110 -37.77 -8.89 6.40
C ASP A 110 -37.92 -9.51 7.80
N VAL A 111 -36.99 -9.22 8.70
CA VAL A 111 -36.80 -10.01 9.91
C VAL A 111 -38.04 -9.97 10.81
N GLN A 112 -38.31 -11.11 11.47
CA GLN A 112 -39.43 -11.19 12.40
C GLN A 112 -39.10 -10.65 13.78
N ASN A 113 -37.83 -10.68 14.18
CA ASN A 113 -37.41 -10.26 15.52
C ASN A 113 -36.17 -9.37 15.43
N ARG A 114 -36.38 -8.07 15.61
CA ARG A 114 -35.33 -7.07 15.70
C ARG A 114 -35.07 -6.70 17.15
N TYR A 115 -33.82 -6.38 17.46
CA TYR A 115 -33.45 -6.04 18.82
C TYR A 115 -32.43 -4.90 18.80
N THR A 116 -32.49 -4.06 19.83
CA THR A 116 -31.53 -2.99 20.04
C THR A 116 -30.85 -3.23 21.39
N PHE A 117 -29.53 -3.42 21.36
CA PHE A 117 -28.79 -3.61 22.59
C PHE A 117 -28.80 -2.34 23.44
N ALA A 118 -28.55 -2.53 24.74
CA ALA A 118 -28.37 -1.39 25.62
C ALA A 118 -26.99 -0.74 25.44
N PHE A 119 -26.09 -1.41 24.74
CA PHE A 119 -24.72 -0.96 24.59
C PHE A 119 -24.42 -0.61 23.13
N GLY A 120 -23.44 0.27 22.94
CA GLY A 120 -22.95 0.62 21.62
C GLY A 120 -21.85 -0.32 21.17
N GLY A 121 -21.40 -0.10 19.93
CA GLY A 121 -20.41 -0.95 19.31
C GLY A 121 -18.96 -0.56 19.51
N ASN A 122 -18.67 0.48 20.30
CA ASN A 122 -17.29 0.92 20.46
C ASN A 122 -16.49 -0.10 21.27
N TYR A 123 -15.15 0.00 21.16
CA TYR A 123 -14.28 -1.02 21.72
C TYR A 123 -14.28 -0.99 23.25
N ASP A 124 -14.30 0.21 23.84
CA ASP A 124 -14.34 0.32 25.31
C ASP A 124 -15.47 -0.53 25.87
N ARG A 125 -16.67 -0.39 25.32
CA ARG A 125 -17.82 -1.10 25.85
C ARG A 125 -17.74 -2.60 25.56
N LEU A 126 -17.33 -2.97 24.35
CA LEU A 126 -17.37 -4.38 23.95
C LEU A 126 -16.42 -5.21 24.79
N GLU A 127 -15.24 -4.68 25.10
CA GLU A 127 -14.26 -5.43 25.90
C GLU A 127 -14.70 -5.54 27.35
N GLN A 128 -15.30 -4.48 27.90
CA GLN A 128 -15.92 -4.58 29.22
C GLN A 128 -16.88 -5.75 29.26
N LEU A 129 -17.72 -5.88 28.22
CA LEU A 129 -18.64 -6.99 28.14
C LEU A 129 -17.92 -8.30 27.85
N ALA A 130 -16.91 -8.27 26.99
CA ALA A 130 -16.20 -9.48 26.63
C ALA A 130 -15.25 -9.97 27.71
N GLY A 131 -14.89 -9.12 28.66
CA GLY A 131 -13.95 -9.49 29.69
C GLY A 131 -12.49 -9.49 29.28
N ASN A 132 -12.17 -9.04 28.07
CA ASN A 132 -10.79 -9.01 27.59
C ASN A 132 -10.59 -7.81 26.68
N LEU A 133 -9.41 -7.20 26.77
CA LEU A 133 -9.01 -6.16 25.82
C LEU A 133 -8.69 -6.79 24.46
N ARG A 134 -8.59 -5.93 23.45
CA ARG A 134 -8.20 -6.38 22.12
C ARG A 134 -6.83 -7.05 22.13
N GLU A 135 -5.92 -6.59 22.99
CA GLU A 135 -4.58 -7.16 23.05
C GLU A 135 -4.58 -8.64 23.40
N ASN A 136 -5.68 -9.15 23.95
CA ASN A 136 -5.75 -10.54 24.38
C ASN A 136 -6.81 -11.34 23.62
N ILE A 137 -7.34 -10.81 22.53
CA ILE A 137 -8.32 -11.50 21.69
C ILE A 137 -7.65 -11.78 20.36
N GLU A 138 -7.44 -13.06 20.07
CA GLU A 138 -6.69 -13.44 18.88
C GLU A 138 -7.55 -13.26 17.63
N LEU A 139 -6.88 -12.95 16.53
CA LEU A 139 -7.53 -12.76 15.24
C LEU A 139 -6.96 -13.77 14.24
N GLY A 140 -7.77 -14.11 13.26
CA GLY A 140 -7.41 -15.08 12.25
C GLY A 140 -8.66 -15.74 11.70
N ASN A 141 -8.43 -16.65 10.75
CA ASN A 141 -9.55 -17.37 10.16
C ASN A 141 -10.28 -18.22 11.19
N GLY A 142 -9.54 -18.74 12.17
CA GLY A 142 -10.13 -19.49 13.25
C GLY A 142 -11.07 -18.67 14.10
N PRO A 143 -10.56 -17.58 14.70
CA PRO A 143 -11.44 -16.69 15.47
C PRO A 143 -12.66 -16.22 14.69
N LEU A 144 -12.50 -15.85 13.42
CA LEU A 144 -13.65 -15.42 12.64
C LEU A 144 -14.65 -16.56 12.45
N GLU A 145 -14.15 -17.77 12.20
CA GLU A 145 -15.04 -18.92 12.08
C GLU A 145 -15.84 -19.13 13.36
N GLU A 146 -15.16 -19.07 14.51
CA GLU A 146 -15.86 -19.20 15.78
C GLU A 146 -16.75 -17.99 16.06
N ALA A 147 -16.32 -16.80 15.62
CA ALA A 147 -17.15 -15.61 15.81
C ALA A 147 -18.43 -15.69 14.99
N ILE A 148 -18.39 -16.31 13.81
CA ILE A 148 -19.59 -16.45 13.00
C ILE A 148 -20.60 -17.35 13.69
N SER A 149 -20.14 -18.47 14.26
CA SER A 149 -21.04 -19.39 14.92
C SER A 149 -21.66 -18.79 16.17
N ALA A 150 -20.86 -18.07 16.96
CA ALA A 150 -21.37 -17.48 18.20
C ALA A 150 -22.39 -16.39 17.90
N LEU A 151 -22.14 -15.56 16.88
CA LEU A 151 -23.12 -14.56 16.47
C LEU A 151 -24.43 -15.20 16.04
N TYR A 152 -24.37 -16.35 15.38
CA TYR A 152 -25.59 -17.02 14.94
C TYR A 152 -26.34 -17.60 16.13
N TYR A 153 -25.64 -18.34 16.99
CA TYR A 153 -26.29 -19.01 18.11
C TYR A 153 -26.73 -18.05 19.20
N TYR A 154 -26.44 -16.75 19.08
CA TYR A 154 -27.02 -15.79 20.01
C TYR A 154 -28.53 -15.69 19.82
N SER A 155 -29.00 -15.79 18.57
CA SER A 155 -30.43 -15.83 18.23
C SER A 155 -31.10 -17.14 18.64
N THR A 156 -30.35 -18.01 19.32
CA THR A 156 -30.83 -19.30 19.80
C THR A 156 -30.79 -19.41 21.31
N GLY A 157 -29.91 -18.67 21.98
CA GLY A 157 -29.72 -18.79 23.41
C GLY A 157 -28.47 -19.54 23.82
N GLY A 158 -27.65 -19.96 22.86
CA GLY A 158 -26.43 -20.68 23.14
C GLY A 158 -25.19 -19.83 23.29
N THR A 159 -25.27 -18.54 22.98
CA THR A 159 -24.14 -17.62 23.10
C THR A 159 -24.35 -16.71 24.30
N GLN A 160 -23.35 -16.64 25.17
CA GLN A 160 -23.39 -15.72 26.29
C GLN A 160 -22.96 -14.32 25.85
N LEU A 161 -23.40 -13.32 26.61
CA LEU A 161 -23.07 -11.94 26.28
C LEU A 161 -21.57 -11.68 26.14
N PRO A 162 -20.69 -12.17 27.02
CA PRO A 162 -19.26 -11.94 26.79
C PRO A 162 -18.76 -12.55 25.50
N THR A 163 -19.16 -13.79 25.19
CA THR A 163 -18.77 -14.41 23.93
C THR A 163 -19.30 -13.62 22.74
N LEU A 164 -20.52 -13.09 22.87
CA LEU A 164 -21.09 -12.26 21.82
C LEU A 164 -20.23 -11.02 21.58
N ALA A 165 -19.88 -10.32 22.66
CA ALA A 165 -19.06 -9.12 22.51
C ALA A 165 -17.69 -9.45 21.92
N ARG A 166 -17.09 -10.57 22.34
CA ARG A 166 -15.80 -10.98 21.79
C ARG A 166 -15.90 -11.20 20.28
N SER A 167 -16.99 -11.82 19.83
CA SER A 167 -17.15 -12.08 18.40
C SER A 167 -17.32 -10.79 17.61
N PHE A 168 -17.98 -9.80 18.20
CA PHE A 168 -18.10 -8.48 17.56
C PHE A 168 -16.73 -7.86 17.36
N ILE A 169 -15.92 -7.84 18.42
CA ILE A 169 -14.56 -7.29 18.33
C ILE A 169 -13.79 -7.97 17.22
N ILE A 170 -13.96 -9.29 17.08
CA ILE A 170 -13.27 -10.04 16.03
C ILE A 170 -13.74 -9.59 14.65
N CYS A 171 -15.06 -9.58 14.44
CA CYS A 171 -15.59 -9.27 13.11
C CYS A 171 -15.28 -7.83 12.71
N ILE A 172 -15.36 -6.89 13.66
CA ILE A 172 -15.13 -5.49 13.34
C ILE A 172 -13.70 -5.26 12.88
N GLN A 173 -12.73 -5.92 13.52
CA GLN A 173 -11.34 -5.68 13.16
C GLN A 173 -11.00 -6.30 11.81
N MET A 174 -11.53 -7.49 11.52
CA MET A 174 -11.18 -8.16 10.28
C MET A 174 -11.94 -7.63 9.08
N ILE A 175 -13.03 -6.90 9.30
CA ILE A 175 -13.84 -6.39 8.18
C ILE A 175 -13.79 -4.87 8.17
N SER A 176 -14.29 -4.24 9.24
CA SER A 176 -14.35 -2.79 9.27
C SER A 176 -12.96 -2.17 9.26
N GLU A 177 -12.09 -2.59 10.18
CA GLU A 177 -10.77 -1.98 10.26
C GLU A 177 -9.88 -2.38 9.10
N ALA A 178 -10.02 -3.63 8.62
CA ALA A 178 -9.27 -4.05 7.45
C ALA A 178 -9.67 -3.26 6.21
N ALA A 179 -10.93 -2.83 6.14
CA ALA A 179 -11.35 -1.97 5.05
C ALA A 179 -10.70 -0.59 5.15
N ARG A 180 -10.56 -0.07 6.36
CA ARG A 180 -9.98 1.25 6.55
C ARG A 180 -8.48 1.28 6.33
N PHE A 181 -7.81 0.13 6.45
CA PHE A 181 -6.35 0.08 6.44
C PHE A 181 -5.87 -1.07 5.58
N GLN A 182 -5.06 -0.76 4.56
CA GLN A 182 -4.28 -1.83 3.92
C GLN A 182 -3.36 -2.49 4.92
N TYR A 183 -2.91 -1.73 5.93
CA TYR A 183 -2.01 -2.29 6.95
C TYR A 183 -2.71 -3.38 7.74
N ILE A 184 -3.92 -3.10 8.24
CA ILE A 184 -4.65 -4.11 9.00
C ILE A 184 -5.07 -5.27 8.09
N GLU A 185 -5.49 -4.95 6.85
CA GLU A 185 -5.76 -6.01 5.88
C GLU A 185 -4.54 -6.90 5.69
N GLY A 186 -3.35 -6.29 5.61
CA GLY A 186 -2.13 -7.08 5.49
C GLY A 186 -1.86 -7.92 6.72
N GLU A 187 -2.10 -7.37 7.91
CA GLU A 187 -1.93 -8.13 9.13
C GLU A 187 -2.86 -9.34 9.16
N MET A 188 -4.10 -9.17 8.68
CA MET A 188 -5.00 -10.31 8.58
C MET A 188 -4.52 -11.28 7.50
N ARG A 189 -3.96 -10.76 6.41
CA ARG A 189 -3.41 -11.62 5.37
C ARG A 189 -2.31 -12.52 5.92
N THR A 190 -1.47 -11.98 6.80
CA THR A 190 -0.41 -12.78 7.39
C THR A 190 -0.98 -13.92 8.22
N ARG A 191 -2.03 -13.64 8.98
CA ARG A 191 -2.63 -14.68 9.82
C ARG A 191 -3.28 -15.77 8.97
N ILE A 192 -3.86 -15.39 7.84
CA ILE A 192 -4.49 -16.38 6.96
C ILE A 192 -3.43 -17.18 6.19
N ARG A 193 -2.36 -16.52 5.76
CA ARG A 193 -1.35 -17.19 4.95
C ARG A 193 -0.70 -18.34 5.72
N TYR A 194 -0.35 -18.13 6.97
CA TYR A 194 0.32 -19.13 7.79
C TYR A 194 -0.64 -19.91 8.68
N ASN A 195 -1.95 -19.70 8.49
CA ASN A 195 -2.98 -20.32 9.33
C ASN A 195 -2.66 -20.15 10.81
N ARG A 196 -2.21 -18.95 11.17
CA ARG A 196 -1.91 -18.62 12.55
C ARG A 196 -3.05 -17.80 13.15
N ARG A 197 -3.20 -17.91 14.46
CA ARG A 197 -4.25 -17.25 15.22
C ARG A 197 -3.57 -16.36 16.25
N SER A 198 -3.71 -15.05 16.10
CA SER A 198 -2.86 -14.11 16.82
C SER A 198 -3.63 -12.86 17.19
N ALA A 199 -3.36 -12.36 18.40
CA ALA A 199 -3.91 -11.09 18.85
C ALA A 199 -3.17 -9.93 18.16
N PRO A 200 -3.82 -8.79 17.99
CA PRO A 200 -3.18 -7.68 17.28
C PRO A 200 -2.14 -6.97 18.12
N ASP A 201 -1.05 -6.55 17.47
CA ASP A 201 0.05 -5.88 18.14
C ASP A 201 -0.27 -4.41 18.36
N PRO A 202 0.56 -3.69 19.13
CA PRO A 202 0.24 -2.27 19.40
C PRO A 202 0.06 -1.41 18.16
N SER A 203 0.81 -1.67 17.09
CA SER A 203 0.67 -0.85 15.89
C SER A 203 -0.75 -0.93 15.32
N VAL A 204 -1.36 -2.12 15.38
CA VAL A 204 -2.73 -2.28 14.90
C VAL A 204 -3.70 -1.62 15.86
N ILE A 205 -3.46 -1.74 17.16
CA ILE A 205 -4.39 -1.20 18.16
C ILE A 205 -4.50 0.31 18.01
N THR A 206 -3.36 1.02 17.98
CA THR A 206 -3.41 2.48 17.97
C THR A 206 -3.91 3.02 16.63
N LEU A 207 -3.66 2.30 15.54
CA LEU A 207 -4.21 2.71 14.25
C LEU A 207 -5.74 2.74 14.31
N GLU A 208 -6.35 1.74 14.94
CA GLU A 208 -7.79 1.73 15.09
C GLU A 208 -8.26 2.89 15.96
N ASN A 209 -7.53 3.17 17.04
CA ASN A 209 -7.89 4.28 17.93
C ASN A 209 -7.68 5.64 17.26
N SER A 210 -6.83 5.72 16.25
CA SER A 210 -6.48 7.00 15.64
C SER A 210 -7.19 7.26 14.31
N TRP A 211 -8.01 6.32 13.84
CA TRP A 211 -8.59 6.45 12.50
C TRP A 211 -9.44 7.71 12.37
N GLY A 212 -10.18 8.06 13.41
CA GLY A 212 -10.97 9.28 13.37
C GLY A 212 -10.09 10.52 13.29
N ARG A 213 -9.05 10.57 14.13
CA ARG A 213 -8.16 11.73 14.11
C ARG A 213 -7.31 11.77 12.84
N LEU A 214 -6.95 10.61 12.31
CA LEU A 214 -6.20 10.58 11.05
C LEU A 214 -7.03 11.16 9.91
N SER A 215 -8.31 10.81 9.84
CA SER A 215 -9.18 11.39 8.81
C SER A 215 -9.24 12.91 8.94
N THR A 216 -9.38 13.42 10.16
CA THR A 216 -9.39 14.86 10.37
C THR A 216 -8.03 15.48 10.03
N ALA A 217 -6.94 14.87 10.50
CA ALA A 217 -5.62 15.43 10.26
C ALA A 217 -5.31 15.51 8.77
N ILE A 218 -5.69 14.49 8.01
CA ILE A 218 -5.39 14.46 6.58
C ILE A 218 -6.24 15.47 5.83
N GLN A 219 -7.55 15.51 6.11
CA GLN A 219 -8.44 16.38 5.36
C GLN A 219 -8.24 17.84 5.74
N GLU A 220 -7.98 18.12 7.02
CA GLU A 220 -7.69 19.47 7.49
C GLU A 220 -6.21 19.82 7.41
N SER A 221 -5.46 19.16 6.55
CA SER A 221 -4.03 19.43 6.43
C SER A 221 -3.78 20.52 5.40
N ASN A 222 -2.62 21.17 5.52
CA ASN A 222 -2.14 22.12 4.51
C ASN A 222 -1.19 21.37 3.60
N GLN A 223 -1.71 20.89 2.47
CA GLN A 223 -0.93 20.19 1.45
C GLN A 223 -0.24 18.95 2.02
N GLY A 224 -0.90 18.27 2.96
CA GLY A 224 -0.40 17.04 3.52
C GLY A 224 0.24 17.18 4.88
N ALA A 225 0.76 18.37 5.23
CA ALA A 225 1.37 18.58 6.53
C ALA A 225 0.29 18.83 7.57
N PHE A 226 0.30 18.03 8.64
CA PHE A 226 -0.71 18.16 9.68
C PHE A 226 -0.48 19.42 10.51
N ALA A 227 -1.55 19.90 11.14
CA ALA A 227 -1.42 21.02 12.07
C ALA A 227 -0.77 20.60 13.37
N SER A 228 -0.94 19.33 13.76
CA SER A 228 -0.37 18.80 14.99
C SER A 228 -0.14 17.31 14.78
N PRO A 229 0.85 16.72 15.46
CA PRO A 229 1.22 15.34 15.17
C PRO A 229 0.20 14.34 15.68
N ILE A 230 0.24 13.15 15.07
CA ILE A 230 -0.55 12.00 15.49
C ILE A 230 0.42 10.94 15.98
N GLN A 231 0.26 10.52 17.24
CA GLN A 231 1.16 9.52 17.79
C GLN A 231 0.70 8.12 17.40
N LEU A 232 1.64 7.30 16.93
CA LEU A 232 1.39 5.91 16.58
C LEU A 232 2.40 5.04 17.31
N GLN A 233 2.21 3.73 17.19
CA GLN A 233 3.10 2.76 17.80
C GLN A 233 3.63 1.79 16.74
N ARG A 234 4.86 1.33 16.95
CA ARG A 234 5.41 0.26 16.14
C ARG A 234 4.92 -1.09 16.66
N ARG A 235 5.22 -2.15 15.90
CA ARG A 235 4.75 -3.48 16.30
C ARG A 235 5.35 -3.91 17.63
N ASN A 236 6.56 -3.47 17.93
CA ASN A 236 7.19 -3.78 19.20
C ASN A 236 6.73 -2.88 20.35
N GLY A 237 5.87 -1.89 20.06
CA GLY A 237 5.32 -1.03 21.08
C GLY A 237 5.93 0.35 21.17
N SER A 238 7.07 0.58 20.54
CA SER A 238 7.71 1.89 20.57
C SER A 238 6.78 2.96 19.99
N LYS A 239 7.00 4.20 20.41
CA LYS A 239 6.15 5.31 20.02
C LYS A 239 6.86 6.21 19.02
N PHE A 240 6.10 6.67 18.03
CA PHE A 240 6.59 7.64 17.05
C PHE A 240 5.43 8.51 16.62
N SER A 241 5.75 9.68 16.08
CA SER A 241 4.75 10.66 15.69
C SER A 241 4.79 10.87 14.18
N VAL A 242 3.62 11.20 13.62
CA VAL A 242 3.46 11.46 12.21
C VAL A 242 3.01 12.91 12.04
N TYR A 243 3.68 13.64 11.15
CA TYR A 243 3.36 15.03 10.88
C TYR A 243 2.87 15.27 9.47
N ASP A 244 2.92 14.27 8.59
CA ASP A 244 2.57 14.45 7.19
C ASP A 244 1.90 13.18 6.67
N VAL A 245 1.03 13.35 5.68
CA VAL A 245 0.23 12.23 5.15
C VAL A 245 1.04 11.26 4.31
N SER A 246 2.27 11.62 3.92
CA SER A 246 3.00 10.81 2.94
C SER A 246 3.22 9.38 3.42
N ILE A 247 3.58 9.21 4.70
CA ILE A 247 3.81 7.86 5.22
C ILE A 247 2.50 7.10 5.40
N LEU A 248 1.37 7.79 5.50
CA LEU A 248 0.08 7.16 5.70
C LEU A 248 -0.58 6.70 4.41
N ILE A 249 -0.10 7.19 3.26
CA ILE A 249 -0.73 6.84 1.98
C ILE A 249 -0.82 5.32 1.79
N PRO A 250 0.20 4.52 2.09
CA PRO A 250 0.02 3.06 2.02
C PRO A 250 -0.68 2.46 3.23
N ILE A 251 -0.95 3.25 4.27
CA ILE A 251 -1.50 2.74 5.53
C ILE A 251 -3.02 2.84 5.57
N ILE A 252 -3.58 3.99 5.18
CA ILE A 252 -5.02 4.23 5.26
C ILE A 252 -5.63 4.11 3.88
N ALA A 253 -6.84 3.55 3.83
CA ALA A 253 -7.59 3.39 2.58
C ALA A 253 -8.92 4.10 2.57
N LEU A 254 -9.52 4.34 3.73
CA LEU A 254 -10.80 5.03 3.83
C LEU A 254 -10.74 6.02 4.98
N MET A 255 -11.52 7.11 4.86
CA MET A 255 -11.59 8.13 5.87
C MET A 255 -13.03 8.59 6.03
N VAL A 256 -13.40 8.99 7.26
CA VAL A 256 -14.67 9.68 7.45
C VAL A 256 -14.64 10.98 6.66
N TYR A 257 -15.75 11.30 6.03
CA TYR A 257 -15.92 12.66 5.50
C TYR A 257 -15.93 13.64 6.66
N ARG A 258 -14.99 14.58 6.64
CA ARG A 258 -14.93 15.65 7.62
C ARG A 258 -15.39 16.99 7.07
N CYS A 259 -14.97 17.35 5.86
CA CYS A 259 -15.20 18.68 5.31
C CYS A 259 -14.92 18.63 3.82
N ALA A 260 -15.23 19.74 3.14
CA ALA A 260 -15.15 19.84 1.69
C ALA A 260 -13.73 20.20 1.24
N PRO A 261 -13.32 19.67 0.09
CA PRO A 261 -12.00 20.02 -0.48
C PRO A 261 -11.91 21.51 -0.79
N PRO A 262 -10.72 21.99 -1.18
CA PRO A 262 -10.52 23.44 -1.38
C PRO A 262 -11.58 24.10 -2.25
N PRO A 263 -12.03 23.47 -3.36
CA PRO A 263 -13.05 24.23 -4.10
C PRO A 263 -14.39 24.31 -3.37
N ALA B 1 -21.79 21.26 3.90
CA ALA B 1 -20.51 20.96 4.52
C ALA B 1 -19.58 22.17 4.47
N ASP B 2 -18.92 22.41 5.59
CA ASP B 2 -17.93 23.48 5.65
C ASP B 2 -16.67 23.09 4.89
N VAL B 3 -16.07 24.06 4.21
CA VAL B 3 -14.77 23.82 3.58
C VAL B 3 -13.73 23.59 4.67
N CYS B 4 -12.85 22.62 4.45
CA CYS B 4 -11.81 22.31 5.42
C CYS B 4 -10.99 23.55 5.75
N MET B 5 -10.77 23.77 7.05
CA MET B 5 -9.87 24.84 7.47
C MET B 5 -8.45 24.50 7.04
N ASP B 6 -7.75 25.49 6.50
CA ASP B 6 -6.39 25.29 6.05
C ASP B 6 -5.43 25.81 7.11
N PRO B 7 -4.76 24.95 7.87
CA PRO B 7 -3.91 25.43 8.97
C PRO B 7 -2.59 25.96 8.43
N GLU B 8 -1.79 26.50 9.34
CA GLU B 8 -0.46 27.03 9.02
C GLU B 8 0.55 26.37 9.95
N PRO B 9 0.89 25.10 9.68
CA PRO B 9 1.79 24.38 10.57
C PRO B 9 3.21 24.94 10.51
N ILE B 10 3.96 24.69 11.58
CA ILE B 10 5.37 25.03 11.67
C ILE B 10 6.13 23.71 11.67
N VAL B 11 6.92 23.47 10.62
CA VAL B 11 7.63 22.21 10.47
C VAL B 11 9.01 22.46 9.87
N ARG B 12 9.89 21.49 10.04
CA ARG B 12 11.10 21.44 9.24
C ARG B 12 10.77 20.85 7.87
N ILE B 13 11.67 21.07 6.91
CA ILE B 13 11.50 20.54 5.56
C ILE B 13 12.75 19.73 5.23
N VAL B 14 12.60 18.41 5.25
CA VAL B 14 13.72 17.48 5.10
C VAL B 14 13.79 17.01 3.65
N GLY B 15 15.02 16.88 3.14
CA GLY B 15 15.19 16.48 1.76
C GLY B 15 16.32 15.51 1.51
N ARG B 16 17.21 15.86 0.59
CA ARG B 16 18.25 14.95 0.14
C ARG B 16 19.14 14.50 1.30
N ASN B 17 19.36 13.18 1.36
CA ASN B 17 20.20 12.55 2.39
C ASN B 17 19.73 12.85 3.80
N GLY B 18 18.48 13.28 3.96
CA GLY B 18 17.95 13.60 5.26
C GLY B 18 18.33 14.94 5.82
N LEU B 19 18.98 15.79 5.03
CA LEU B 19 19.35 17.12 5.50
C LEU B 19 18.13 18.04 5.52
N CYS B 20 18.26 19.16 6.23
CA CYS B 20 17.16 20.08 6.47
C CYS B 20 17.32 21.37 5.69
N VAL B 21 16.21 21.89 5.16
CA VAL B 21 16.18 23.21 4.55
C VAL B 21 16.56 24.25 5.60
N ASP B 22 17.64 24.99 5.34
CA ASP B 22 18.29 25.80 6.36
C ASP B 22 18.61 27.18 5.80
N VAL B 23 18.32 28.21 6.60
CA VAL B 23 18.72 29.57 6.27
C VAL B 23 20.16 29.77 6.75
N ARG B 24 21.08 29.97 5.81
CA ARG B 24 22.50 29.89 6.11
C ARG B 24 22.92 30.86 7.20
N ASP B 25 23.70 30.36 8.16
CA ASP B 25 24.29 31.13 9.26
C ASP B 25 23.24 31.82 10.12
N GLY B 26 21.96 31.48 9.97
CA GLY B 26 20.92 32.18 10.70
C GLY B 26 20.78 33.64 10.34
N ARG B 27 21.36 34.06 9.21
CA ARG B 27 21.29 35.44 8.76
C ARG B 27 20.02 35.64 7.93
N PHE B 28 19.36 36.78 8.14
CA PHE B 28 18.07 37.03 7.50
C PHE B 28 18.08 38.33 6.71
N HIS B 29 19.22 38.70 6.13
CA HIS B 29 19.20 39.79 5.16
C HIS B 29 18.60 39.28 3.86
N ASN B 30 17.99 40.20 3.11
CA ASN B 30 17.37 39.83 1.85
C ASN B 30 18.41 39.28 0.88
N GLY B 31 18.09 38.14 0.27
CA GLY B 31 18.98 37.50 -0.67
C GLY B 31 19.88 36.43 -0.10
N ASN B 32 19.86 36.22 1.21
CA ASN B 32 20.72 35.22 1.81
C ASN B 32 20.29 33.81 1.37
N ALA B 33 21.27 33.00 0.98
CA ALA B 33 20.98 31.71 0.35
C ALA B 33 20.40 30.72 1.35
N ILE B 34 19.46 29.90 0.87
CA ILE B 34 18.94 28.76 1.62
C ILE B 34 19.79 27.55 1.27
N GLN B 35 20.06 26.70 2.26
CA GLN B 35 21.00 25.61 2.08
C GLN B 35 20.45 24.35 2.75
N LEU B 36 21.12 23.22 2.46
CA LEU B 36 20.94 21.99 3.21
C LEU B 36 21.87 22.00 4.41
N TRP B 37 21.37 21.52 5.54
CA TRP B 37 22.18 21.45 6.75
C TRP B 37 21.67 20.30 7.61
N PRO B 38 22.55 19.66 8.38
CA PRO B 38 22.09 18.66 9.34
C PRO B 38 20.96 19.19 10.21
N CYS B 39 19.94 18.36 10.42
CA CYS B 39 18.74 18.80 11.09
C CYS B 39 18.99 19.03 12.57
N LYS B 40 18.59 20.20 13.07
CA LYS B 40 18.69 20.52 14.48
C LYS B 40 17.47 19.97 15.23
N SER B 41 17.56 19.98 16.56
CA SER B 41 16.46 19.58 17.42
C SER B 41 16.07 20.66 18.41
N ASN B 42 16.44 21.91 18.12
CA ASN B 42 16.13 23.05 18.98
C ASN B 42 15.04 23.90 18.32
N THR B 43 14.77 25.05 18.92
CA THR B 43 13.72 25.94 18.46
C THR B 43 14.26 27.06 17.57
N ASP B 44 15.42 26.85 16.94
CA ASP B 44 15.98 27.87 16.07
C ASP B 44 15.09 28.08 14.85
N ALA B 45 14.80 29.35 14.54
CA ALA B 45 13.82 29.65 13.51
C ALA B 45 14.30 29.28 12.12
N ASN B 46 15.61 29.33 11.87
CA ASN B 46 16.11 29.19 10.50
C ASN B 46 15.93 27.79 9.92
N GLN B 47 15.40 26.84 10.70
CA GLN B 47 15.07 25.53 10.17
C GLN B 47 13.60 25.17 10.38
N LEU B 48 12.80 26.07 10.92
CA LEU B 48 11.37 25.84 11.14
C LEU B 48 10.59 26.74 10.19
N TRP B 49 9.82 26.12 9.29
CA TRP B 49 9.12 26.84 8.24
C TRP B 49 7.61 26.80 8.47
N THR B 50 6.98 27.96 8.29
CA THR B 50 5.53 28.09 8.42
C THR B 50 4.90 27.98 7.04
N LEU B 51 4.07 26.95 6.86
CA LEU B 51 3.36 26.74 5.60
C LEU B 51 2.05 27.53 5.66
N LYS B 52 2.09 28.75 5.16
CA LYS B 52 0.94 29.64 5.29
C LYS B 52 -0.11 29.34 4.23
N ARG B 53 -1.28 29.96 4.39
CA ARG B 53 -2.41 29.70 3.49
C ARG B 53 -2.23 30.35 2.14
N ASP B 54 -1.32 31.32 2.02
CA ASP B 54 -1.03 31.98 0.75
C ASP B 54 0.04 31.25 -0.05
N ASN B 55 0.26 29.96 0.23
CA ASN B 55 1.25 29.14 -0.48
C ASN B 55 2.66 29.71 -0.36
N THR B 56 2.95 30.41 0.73
CA THR B 56 4.30 30.86 1.01
C THR B 56 4.89 30.04 2.16
N ILE B 57 6.20 29.83 2.10
CA ILE B 57 6.93 29.06 3.10
C ILE B 57 7.89 30.02 3.79
N ARG B 58 7.70 30.21 5.10
CA ARG B 58 8.35 31.30 5.80
C ARG B 58 9.13 30.80 7.01
N SER B 59 10.34 31.35 7.18
CA SER B 59 11.13 31.17 8.38
C SER B 59 11.39 32.54 8.98
N ASN B 60 11.07 32.69 10.27
CA ASN B 60 11.30 33.95 11.00
C ASN B 60 10.58 35.12 10.32
N GLY B 61 9.40 34.85 9.77
CA GLY B 61 8.58 35.88 9.17
C GLY B 61 8.92 36.26 7.74
N LYS B 62 10.01 35.73 7.17
CA LYS B 62 10.42 36.03 5.81
C LYS B 62 10.27 34.79 4.94
N CYS B 63 10.13 35.03 3.64
CA CYS B 63 9.66 34.01 2.69
C CYS B 63 10.82 33.27 2.02
N LEU B 64 10.60 31.98 1.77
CA LEU B 64 11.45 31.21 0.87
C LEU B 64 11.19 31.67 -0.56
N THR B 65 12.22 32.17 -1.24
CA THR B 65 12.05 32.87 -2.50
C THR B 65 13.06 32.39 -3.53
N THR B 66 12.57 32.07 -4.72
CA THR B 66 13.44 31.77 -5.85
C THR B 66 13.99 33.07 -6.45
N TYR B 67 15.28 33.06 -6.77
CA TYR B 67 15.89 34.25 -7.36
C TYR B 67 15.29 34.57 -8.72
N GLY B 68 15.07 33.55 -9.54
CA GLY B 68 14.51 33.75 -10.86
C GLY B 68 13.73 32.55 -11.35
N TYR B 69 13.40 32.55 -12.64
CA TYR B 69 12.57 31.52 -13.23
C TYR B 69 13.33 30.65 -14.22
N SER B 70 14.66 30.70 -14.19
CA SER B 70 15.47 29.84 -15.04
C SER B 70 16.08 28.71 -14.23
N PRO B 71 16.14 27.49 -14.79
CA PRO B 71 16.73 26.37 -14.04
C PRO B 71 18.21 26.62 -13.76
N GLY B 72 18.58 26.56 -12.48
CA GLY B 72 19.94 26.75 -12.03
C GLY B 72 20.13 27.86 -11.02
N VAL B 73 19.21 28.82 -10.94
CA VAL B 73 19.36 29.94 -10.01
C VAL B 73 19.01 29.48 -8.60
N TYR B 74 19.59 30.15 -7.62
CA TYR B 74 19.49 29.70 -6.24
C TYR B 74 18.19 30.18 -5.59
N VAL B 75 17.94 29.68 -4.39
CA VAL B 75 16.76 30.02 -3.60
C VAL B 75 17.22 30.71 -2.34
N MET B 76 16.57 31.82 -2.00
CA MET B 76 17.02 32.72 -0.94
C MET B 76 15.88 32.99 0.03
N ILE B 77 16.22 33.71 1.11
CA ILE B 77 15.24 34.25 2.05
C ILE B 77 14.99 35.71 1.68
N TYR B 78 13.76 36.18 1.87
CA TYR B 78 13.43 37.54 1.43
C TYR B 78 12.18 38.04 2.15
N ASP B 79 12.10 39.37 2.26
CA ASP B 79 10.88 40.03 2.72
C ASP B 79 9.72 39.65 1.80
N CYS B 80 8.64 39.13 2.39
CA CYS B 80 7.51 38.65 1.59
C CYS B 80 6.81 39.79 0.86
N ASN B 81 6.85 41.00 1.40
CA ASN B 81 6.16 42.12 0.77
C ASN B 81 6.96 42.68 -0.39
N THR B 82 8.26 42.94 -0.18
CA THR B 82 9.07 43.61 -1.18
C THR B 82 9.59 42.68 -2.27
N ALA B 83 9.43 41.38 -2.11
CA ALA B 83 9.84 40.44 -3.15
C ALA B 83 8.74 40.27 -4.19
N ALA B 84 9.13 39.80 -5.37
CA ALA B 84 8.15 39.43 -6.39
C ALA B 84 7.30 38.30 -5.86
N THR B 85 6.01 38.56 -5.62
CA THR B 85 5.17 37.59 -4.91
C THR B 85 5.08 36.27 -5.66
N ASP B 86 5.14 36.29 -7.00
CA ASP B 86 5.14 35.04 -7.74
C ASP B 86 6.36 34.20 -7.42
N ALA B 87 7.46 34.84 -7.00
CA ALA B 87 8.66 34.10 -6.63
C ALA B 87 8.58 33.54 -5.21
N THR B 88 7.54 33.86 -4.45
CA THR B 88 7.38 33.37 -3.09
C THR B 88 6.30 32.30 -2.96
N ARG B 89 5.59 32.00 -4.04
CA ARG B 89 4.51 31.02 -4.01
C ARG B 89 5.05 29.64 -4.30
N TRP B 90 4.56 28.65 -3.56
CA TRP B 90 5.03 27.27 -3.70
C TRP B 90 3.87 26.32 -3.46
N GLN B 91 3.86 25.22 -4.20
CA GLN B 91 2.94 24.12 -3.97
C GLN B 91 3.72 22.91 -3.48
N ILE B 92 3.22 22.28 -2.42
CA ILE B 92 3.80 21.07 -1.86
C ILE B 92 2.94 19.89 -2.29
N TRP B 93 3.52 18.99 -3.06
CA TRP B 93 2.79 17.88 -3.65
C TRP B 93 2.93 16.61 -2.82
N ASP B 94 1.93 15.74 -2.91
CA ASP B 94 1.93 14.49 -2.15
C ASP B 94 3.05 13.55 -2.58
N ASN B 95 3.62 13.75 -3.77
CA ASN B 95 4.71 12.91 -4.26
C ASN B 95 6.09 13.48 -3.91
N GLY B 96 6.16 14.49 -3.05
CA GLY B 96 7.42 14.99 -2.55
C GLY B 96 8.02 16.15 -3.30
N THR B 97 7.33 16.69 -4.29
CA THR B 97 7.84 17.79 -5.10
C THR B 97 7.33 19.13 -4.56
N ILE B 98 8.22 20.11 -4.49
CA ILE B 98 7.87 21.47 -4.10
C ILE B 98 8.12 22.36 -5.30
N ILE B 99 7.04 22.82 -5.94
CA ILE B 99 7.11 23.49 -7.23
C ILE B 99 6.72 24.95 -7.06
N ASN B 100 7.35 25.81 -7.88
CA ASN B 100 6.97 27.20 -7.99
C ASN B 100 6.06 27.35 -9.19
N PRO B 101 4.78 27.69 -9.01
CA PRO B 101 3.84 27.64 -10.15
C PRO B 101 4.20 28.57 -11.30
N ARG B 102 4.74 29.76 -11.01
CA ARG B 102 5.04 30.71 -12.07
C ARG B 102 6.06 30.14 -13.06
N SER B 103 7.09 29.48 -12.55
CA SER B 103 8.17 28.98 -13.40
C SER B 103 8.05 27.50 -13.74
N SER B 104 7.16 26.76 -13.07
CA SER B 104 7.06 25.30 -13.16
C SER B 104 8.34 24.61 -12.72
N LEU B 105 9.30 25.36 -12.16
CA LEU B 105 10.55 24.80 -11.68
C LEU B 105 10.38 24.27 -10.26
N VAL B 106 11.35 23.47 -9.83
CA VAL B 106 11.22 22.63 -8.65
C VAL B 106 12.38 22.90 -7.71
N LEU B 107 12.08 23.08 -6.42
CA LEU B 107 13.12 23.21 -5.41
C LEU B 107 14.02 21.98 -5.42
N ALA B 108 15.33 22.21 -5.47
CA ALA B 108 16.26 21.10 -5.65
C ALA B 108 17.55 21.36 -4.89
N ALA B 109 18.30 20.27 -4.69
CA ALA B 109 19.63 20.30 -4.07
C ALA B 109 20.55 19.53 -5.01
N THR B 110 21.20 20.27 -5.93
CA THR B 110 22.03 19.64 -6.95
C THR B 110 23.25 18.94 -6.38
N SER B 111 23.53 19.10 -5.08
CA SER B 111 24.58 18.38 -4.40
C SER B 111 24.05 17.85 -3.08
N GLY B 112 24.61 16.73 -2.62
CA GLY B 112 24.19 16.09 -1.40
C GLY B 112 25.03 16.40 -0.18
N ASN B 113 25.89 17.41 -0.24
CA ASN B 113 26.78 17.75 0.86
C ASN B 113 26.16 18.80 1.76
N SER B 114 26.58 18.80 3.03
CA SER B 114 26.14 19.82 3.97
C SER B 114 26.59 21.19 3.49
N GLY B 115 25.65 22.14 3.45
CA GLY B 115 25.93 23.47 2.97
C GLY B 115 25.56 23.73 1.52
N THR B 116 25.02 22.73 0.82
CA THR B 116 24.64 22.89 -0.57
C THR B 116 23.60 24.00 -0.71
N THR B 117 23.87 24.94 -1.62
CA THR B 117 22.93 26.01 -1.91
C THR B 117 21.75 25.48 -2.71
N LEU B 118 20.53 25.74 -2.21
CA LEU B 118 19.33 25.25 -2.85
C LEU B 118 19.02 26.06 -4.11
N THR B 119 18.52 25.37 -5.15
CA THR B 119 18.23 25.99 -6.43
C THR B 119 16.87 25.51 -6.92
N VAL B 120 16.44 26.05 -8.06
CA VAL B 120 15.25 25.60 -8.77
C VAL B 120 15.71 24.96 -10.08
N GLN B 121 15.10 23.82 -10.42
CA GLN B 121 15.53 23.03 -11.56
C GLN B 121 14.30 22.54 -12.33
N THR B 122 14.55 21.99 -13.51
CA THR B 122 13.49 21.35 -14.27
C THR B 122 13.10 20.03 -13.60
N ASN B 123 11.81 19.79 -13.46
CA ASN B 123 11.34 18.61 -12.74
C ASN B 123 11.72 17.35 -13.50
N ILE B 124 12.44 16.46 -12.83
CA ILE B 124 12.78 15.15 -13.38
C ILE B 124 12.49 14.10 -12.31
N TYR B 125 11.89 14.54 -11.20
CA TYR B 125 11.51 13.66 -10.09
C TYR B 125 12.72 12.87 -9.57
N ALA B 126 13.80 13.60 -9.32
CA ALA B 126 15.01 13.00 -8.77
C ALA B 126 15.01 13.08 -7.25
N VAL B 127 15.94 12.34 -6.64
CA VAL B 127 16.12 12.41 -5.19
C VAL B 127 16.52 13.81 -4.78
N SER B 128 17.30 14.49 -5.62
CA SER B 128 17.68 15.87 -5.37
C SER B 128 16.50 16.82 -5.34
N GLN B 129 15.31 16.36 -5.72
CA GLN B 129 14.12 17.19 -5.79
C GLN B 129 12.99 16.67 -4.91
N GLY B 130 13.30 15.82 -3.94
CA GLY B 130 12.31 15.24 -3.04
C GLY B 130 12.39 15.88 -1.66
N TRP B 131 11.23 16.19 -1.09
CA TRP B 131 11.16 16.87 0.19
C TRP B 131 9.99 16.34 0.99
N LEU B 132 10.00 16.62 2.29
CA LEU B 132 8.94 16.19 3.20
C LEU B 132 8.85 17.14 4.39
N PRO B 133 7.73 17.84 4.56
CA PRO B 133 7.56 18.70 5.74
C PRO B 133 7.24 17.84 6.96
N THR B 134 8.06 17.98 8.00
CA THR B 134 7.94 17.15 9.19
C THR B 134 8.78 17.75 10.31
N ASN B 135 8.57 17.23 11.52
CA ASN B 135 9.48 17.45 12.64
C ASN B 135 10.34 16.23 12.92
N ASN B 136 10.12 15.13 12.19
CA ASN B 136 10.95 13.93 12.33
C ASN B 136 12.24 14.13 11.53
N THR B 137 13.36 14.23 12.23
CA THR B 137 14.65 14.43 11.59
C THR B 137 15.32 13.12 11.20
N GLN B 138 14.71 11.97 11.50
CA GLN B 138 15.26 10.67 11.19
C GLN B 138 14.34 9.93 10.22
N PRO B 139 14.91 9.13 9.32
CA PRO B 139 14.07 8.31 8.43
C PRO B 139 13.35 7.23 9.22
N PHE B 140 12.34 6.64 8.57
CA PHE B 140 11.52 5.60 9.19
C PHE B 140 12.03 4.24 8.74
N VAL B 141 12.55 3.47 9.69
CA VAL B 141 13.06 2.14 9.41
C VAL B 141 11.90 1.16 9.40
N THR B 142 11.79 0.37 8.33
CA THR B 142 10.65 -0.51 8.16
C THR B 142 11.05 -1.75 7.38
N THR B 143 10.27 -2.80 7.58
CA THR B 143 10.33 -4.00 6.76
C THR B 143 9.35 -3.87 5.60
N ILE B 144 9.77 -4.32 4.42
CA ILE B 144 8.92 -4.28 3.23
C ILE B 144 8.54 -5.71 2.88
N VAL B 145 7.25 -6.02 3.05
CA VAL B 145 6.71 -7.35 2.74
C VAL B 145 6.05 -7.29 1.37
N GLY B 146 6.22 -8.36 0.60
CA GLY B 146 5.65 -8.39 -0.74
C GLY B 146 4.96 -9.69 -1.10
N LEU B 147 5.17 -10.14 -2.33
CA LEU B 147 4.48 -11.31 -2.85
C LEU B 147 4.76 -12.54 -1.98
N TYR B 148 3.71 -13.33 -1.75
CA TYR B 148 3.76 -14.57 -0.98
C TYR B 148 4.17 -14.33 0.48
N GLY B 149 4.09 -13.09 0.94
CA GLY B 149 4.48 -12.77 2.30
C GLY B 149 5.97 -12.69 2.53
N LEU B 150 6.77 -12.60 1.47
CA LEU B 150 8.22 -12.53 1.61
C LEU B 150 8.67 -11.09 1.84
N CYS B 151 9.91 -10.95 2.30
CA CYS B 151 10.46 -9.67 2.70
C CYS B 151 11.57 -9.24 1.74
N LEU B 152 11.55 -7.97 1.35
CA LEU B 152 12.63 -7.41 0.53
C LEU B 152 13.93 -7.40 1.32
N GLN B 153 15.01 -7.83 0.67
CA GLN B 153 16.29 -7.98 1.34
C GLN B 153 17.41 -7.49 0.42
N ALA B 154 18.49 -6.98 1.03
CA ALA B 154 19.63 -6.45 0.31
C ALA B 154 20.87 -7.29 0.61
N ASN B 155 21.57 -7.69 -0.45
CA ASN B 155 22.84 -8.39 -0.33
C ASN B 155 23.83 -7.72 -1.26
N SER B 156 24.93 -7.22 -0.69
CA SER B 156 25.97 -6.56 -1.48
C SER B 156 25.36 -5.43 -2.30
N GLY B 157 25.22 -5.66 -3.61
CA GLY B 157 24.55 -4.73 -4.49
C GLY B 157 23.26 -5.21 -5.09
N GLN B 158 22.76 -6.38 -4.68
CA GLN B 158 21.57 -6.99 -5.25
C GLN B 158 20.41 -6.90 -4.27
N VAL B 159 19.20 -7.03 -4.81
CA VAL B 159 17.98 -6.98 -4.01
C VAL B 159 17.01 -8.02 -4.52
N TRP B 160 16.40 -8.77 -3.60
CA TRP B 160 15.45 -9.83 -3.89
C TRP B 160 14.57 -9.98 -2.65
N ILE B 161 13.65 -10.94 -2.69
CA ILE B 161 12.76 -11.21 -1.57
C ILE B 161 13.02 -12.62 -1.06
N GLU B 162 13.11 -12.75 0.27
CA GLU B 162 13.41 -14.01 0.95
C GLU B 162 12.41 -14.18 2.09
N ASP B 163 12.55 -15.27 2.83
CA ASP B 163 11.72 -15.49 4.00
C ASP B 163 12.02 -14.44 5.06
N CYS B 164 10.94 -13.91 5.66
CA CYS B 164 11.10 -12.84 6.64
C CYS B 164 11.73 -13.35 7.92
N SER B 165 12.57 -12.52 8.52
CA SER B 165 13.21 -12.83 9.79
C SER B 165 13.58 -11.52 10.48
N SER B 166 13.19 -11.39 11.75
CA SER B 166 13.36 -10.12 12.46
C SER B 166 14.83 -9.75 12.65
N GLU B 167 15.69 -10.74 12.87
CA GLU B 167 17.10 -10.48 13.15
C GLU B 167 17.91 -10.13 11.90
N LYS B 168 17.28 -10.13 10.72
CA LYS B 168 17.99 -9.81 9.48
C LYS B 168 18.00 -8.30 9.31
N ALA B 169 19.14 -7.67 9.58
CA ALA B 169 19.28 -6.24 9.31
C ALA B 169 19.21 -5.95 7.81
N GLU B 170 19.60 -6.91 6.97
CA GLU B 170 19.52 -6.76 5.53
C GLU B 170 18.09 -6.68 5.02
N GLN B 171 17.10 -6.86 5.90
CA GLN B 171 15.70 -6.69 5.55
C GLN B 171 15.11 -5.40 6.08
N GLN B 172 15.93 -4.56 6.70
CA GLN B 172 15.49 -3.27 7.24
C GLN B 172 15.77 -2.18 6.22
N TRP B 173 14.76 -1.37 5.92
CA TRP B 173 14.88 -0.31 4.93
C TRP B 173 14.48 1.01 5.56
N ALA B 174 15.31 2.03 5.32
CA ALA B 174 15.05 3.38 5.83
C ALA B 174 14.43 4.21 4.72
N LEU B 175 13.20 4.67 4.94
CA LEU B 175 12.49 5.48 3.96
C LEU B 175 12.83 6.94 4.21
N TYR B 176 13.65 7.52 3.33
CA TYR B 176 14.11 8.88 3.52
C TYR B 176 13.10 9.89 3.00
N ALA B 177 13.21 11.13 3.50
CA ALA B 177 12.32 12.20 3.09
C ALA B 177 12.52 12.59 1.62
N ASP B 178 13.69 12.29 1.05
CA ASP B 178 13.95 12.61 -0.35
C ASP B 178 13.32 11.63 -1.31
N GLY B 179 12.59 10.63 -0.81
CA GLY B 179 11.98 9.63 -1.65
C GLY B 179 12.83 8.41 -1.95
N SER B 180 14.02 8.31 -1.38
CA SER B 180 14.88 7.15 -1.63
C SER B 180 14.67 6.09 -0.57
N ILE B 181 14.93 4.84 -0.95
CA ILE B 181 14.81 3.68 -0.06
C ILE B 181 16.21 3.10 0.13
N ARG B 182 16.69 3.11 1.38
CA ARG B 182 18.08 2.79 1.61
C ARG B 182 18.24 1.61 2.57
N PRO B 183 19.20 0.73 2.33
CA PRO B 183 19.43 -0.39 3.25
C PRO B 183 19.95 0.11 4.59
N GLN B 184 19.37 -0.40 5.68
CA GLN B 184 19.77 0.02 7.02
C GLN B 184 21.26 -0.19 7.26
N GLN B 185 21.84 -1.25 6.71
CA GLN B 185 23.26 -1.53 6.95
C GLN B 185 24.15 -0.47 6.33
N ASN B 186 23.71 0.18 5.24
CA ASN B 186 24.51 1.19 4.55
C ASN B 186 23.57 2.31 4.10
N ARG B 187 23.45 3.35 4.93
CA ARG B 187 22.60 4.49 4.61
C ARG B 187 23.13 5.34 3.46
N ASP B 188 24.30 5.00 2.91
CA ASP B 188 24.86 5.71 1.77
C ASP B 188 24.47 5.11 0.44
N ASN B 189 23.71 4.02 0.43
CA ASN B 189 23.31 3.36 -0.80
C ASN B 189 21.79 3.37 -0.94
N CYS B 190 21.32 3.25 -2.18
CA CYS B 190 19.93 3.49 -2.51
C CYS B 190 19.39 2.37 -3.39
N LEU B 191 18.07 2.15 -3.31
CA LEU B 191 17.37 1.23 -4.20
C LEU B 191 17.30 1.90 -5.57
N THR B 192 18.13 1.43 -6.51
CA THR B 192 18.39 2.14 -7.75
C THR B 192 17.88 1.36 -8.95
N SER B 193 17.31 2.08 -9.90
CA SER B 193 16.92 1.54 -11.21
C SER B 193 17.89 2.05 -12.27
N ASP B 194 18.43 1.14 -13.08
CA ASP B 194 19.42 1.51 -14.07
C ASP B 194 18.83 2.36 -15.18
N SER B 195 17.78 1.86 -15.83
CA SER B 195 17.15 2.55 -16.94
C SER B 195 15.67 2.77 -16.65
N ASN B 196 15.04 3.59 -17.47
CA ASN B 196 13.62 3.87 -17.35
C ASN B 196 12.76 2.94 -18.20
N ILE B 197 13.36 1.89 -18.76
CA ILE B 197 12.64 0.97 -19.62
C ILE B 197 12.26 -0.27 -18.81
N ARG B 198 11.37 -1.08 -19.38
CA ARG B 198 10.76 -2.17 -18.62
C ARG B 198 11.76 -3.31 -18.40
N GLU B 199 11.45 -4.13 -17.39
CA GLU B 199 12.24 -5.30 -17.00
C GLU B 199 13.69 -4.96 -16.67
N THR B 200 13.95 -3.70 -16.33
CA THR B 200 15.27 -3.31 -15.82
C THR B 200 15.43 -3.83 -14.40
N VAL B 201 16.49 -4.61 -14.16
CA VAL B 201 16.72 -5.17 -12.83
C VAL B 201 17.12 -4.05 -11.88
N VAL B 202 16.46 -3.99 -10.73
CA VAL B 202 16.77 -3.00 -9.70
C VAL B 202 17.91 -3.52 -8.84
N LYS B 203 18.84 -2.63 -8.49
CA LYS B 203 20.04 -2.97 -7.75
C LYS B 203 20.13 -2.12 -6.49
N ILE B 204 21.24 -2.28 -5.77
CA ILE B 204 21.61 -1.42 -4.65
C ILE B 204 22.86 -0.67 -5.08
N LEU B 205 22.74 0.65 -5.25
CA LEU B 205 23.84 1.48 -5.71
C LEU B 205 23.96 2.71 -4.82
N SER B 206 25.01 3.50 -5.08
CA SER B 206 25.26 4.68 -4.27
C SER B 206 24.23 5.76 -4.55
N CYS B 207 23.82 6.47 -3.50
CA CYS B 207 22.87 7.57 -3.63
C CYS B 207 23.50 8.83 -4.20
N GLY B 208 24.80 8.82 -4.45
CA GLY B 208 25.53 9.94 -5.00
C GLY B 208 24.80 10.69 -6.11
N PRO B 209 24.39 9.99 -7.17
CA PRO B 209 23.70 10.67 -8.27
C PRO B 209 22.37 11.28 -7.88
N ALA B 210 21.72 10.76 -6.84
CA ALA B 210 20.39 11.22 -6.41
C ALA B 210 19.44 11.35 -7.60
N SER B 211 19.37 10.28 -8.39
CA SER B 211 18.76 10.33 -9.70
C SER B 211 17.26 10.03 -9.63
N SER B 212 16.60 10.15 -10.79
CA SER B 212 15.19 9.80 -10.90
C SER B 212 14.96 8.32 -10.65
N GLY B 213 15.93 7.47 -11.00
CA GLY B 213 15.82 6.05 -10.76
C GLY B 213 15.94 5.61 -9.33
N GLN B 214 16.26 6.55 -8.42
CA GLN B 214 16.44 6.24 -7.01
C GLN B 214 15.36 6.85 -6.14
N ARG B 215 14.30 7.40 -6.74
CA ARG B 215 13.20 8.02 -6.02
C ARG B 215 11.95 7.17 -6.19
N TRP B 216 11.31 6.85 -5.07
CA TRP B 216 10.15 5.97 -5.06
C TRP B 216 9.05 6.55 -4.18
N MET B 217 7.82 6.19 -4.49
CA MET B 217 6.66 6.63 -3.71
C MET B 217 5.76 5.43 -3.44
N PHE B 218 5.34 5.27 -2.18
CA PHE B 218 4.37 4.26 -1.81
C PHE B 218 2.97 4.76 -2.15
N LYS B 219 2.34 4.16 -3.16
CA LYS B 219 1.02 4.60 -3.59
C LYS B 219 -0.05 3.95 -2.71
N ASN B 220 -1.27 4.48 -2.81
CA ASN B 220 -2.38 4.02 -1.99
C ASN B 220 -2.83 2.61 -2.36
N ASP B 221 -2.47 2.13 -3.55
CA ASP B 221 -2.92 0.83 -4.03
C ASP B 221 -1.94 -0.29 -3.72
N GLY B 222 -0.90 -0.01 -2.93
CA GLY B 222 0.05 -1.03 -2.53
C GLY B 222 1.28 -1.15 -3.39
N THR B 223 1.45 -0.30 -4.40
CA THR B 223 2.59 -0.35 -5.28
C THR B 223 3.65 0.66 -4.87
N ILE B 224 4.88 0.38 -5.27
CA ILE B 224 6.02 1.27 -5.05
C ILE B 224 6.41 1.83 -6.42
N LEU B 225 6.13 3.11 -6.63
CA LEU B 225 6.18 3.73 -7.94
C LEU B 225 7.46 4.55 -8.12
N ASN B 226 8.14 4.35 -9.24
CA ASN B 226 9.22 5.22 -9.67
C ASN B 226 8.59 6.37 -10.46
N LEU B 227 8.63 7.57 -9.88
CA LEU B 227 7.83 8.67 -10.38
C LEU B 227 8.21 9.05 -11.81
N TYR B 228 9.51 9.11 -12.12
CA TYR B 228 9.93 9.62 -13.41
C TYR B 228 9.50 8.69 -14.55
N SER B 229 9.80 7.40 -14.42
CA SER B 229 9.48 6.44 -15.47
C SER B 229 8.00 6.04 -15.47
N GLY B 230 7.30 6.22 -14.35
CA GLY B 230 5.95 5.72 -14.22
C GLY B 230 5.84 4.23 -14.03
N LEU B 231 6.95 3.51 -13.94
CA LEU B 231 6.94 2.08 -13.73
C LEU B 231 6.94 1.76 -12.24
N VAL B 232 6.53 0.54 -11.92
CA VAL B 232 6.38 0.10 -10.54
C VAL B 232 7.38 -1.01 -10.24
N LEU B 233 7.57 -1.27 -8.95
CA LEU B 233 8.46 -2.34 -8.51
C LEU B 233 7.77 -3.68 -8.69
N ASP B 234 8.46 -4.63 -9.32
CA ASP B 234 7.83 -5.86 -9.77
C ASP B 234 8.69 -7.06 -9.36
N VAL B 235 8.08 -8.02 -8.68
CA VAL B 235 8.69 -9.33 -8.51
C VAL B 235 8.52 -10.06 -9.84
N ARG B 236 9.61 -10.22 -10.59
CA ARG B 236 9.52 -10.63 -11.98
C ARG B 236 8.81 -11.97 -12.13
N ALA B 237 7.79 -11.99 -12.98
CA ALA B 237 7.01 -13.20 -13.28
C ALA B 237 6.45 -13.86 -12.04
N SER B 238 6.29 -13.09 -10.97
CA SER B 238 5.76 -13.57 -9.68
C SER B 238 6.56 -14.75 -9.15
N ASP B 239 7.86 -14.79 -9.46
CA ASP B 239 8.71 -15.92 -9.09
C ASP B 239 9.89 -15.42 -8.28
N PRO B 240 9.85 -15.52 -6.94
CA PRO B 240 10.99 -15.08 -6.14
C PRO B 240 12.27 -15.84 -6.41
N SER B 241 12.19 -17.07 -6.93
CA SER B 241 13.38 -17.87 -7.15
C SER B 241 14.29 -17.26 -8.23
N LEU B 242 13.77 -16.32 -9.02
CA LEU B 242 14.61 -15.63 -10.00
C LEU B 242 15.55 -14.64 -9.35
N LYS B 243 15.25 -14.19 -8.13
CA LYS B 243 16.05 -13.20 -7.42
C LYS B 243 16.20 -11.91 -8.23
N GLN B 244 15.12 -11.53 -8.90
CA GLN B 244 15.10 -10.34 -9.75
C GLN B 244 13.89 -9.49 -9.39
N ILE B 245 14.15 -8.25 -8.97
CA ILE B 245 13.14 -7.21 -8.81
C ILE B 245 13.37 -6.18 -9.90
N ILE B 246 12.31 -5.79 -10.59
CA ILE B 246 12.44 -5.03 -11.83
C ILE B 246 11.46 -3.86 -11.82
N LEU B 247 11.61 -3.00 -12.82
CA LEU B 247 10.57 -2.04 -13.18
C LEU B 247 9.67 -2.65 -14.25
N TYR B 248 8.38 -2.35 -14.16
CA TYR B 248 7.40 -2.89 -15.10
C TYR B 248 6.17 -2.00 -15.07
N PRO B 249 5.44 -1.90 -16.17
CA PRO B 249 4.21 -1.11 -16.16
C PRO B 249 3.23 -1.60 -15.11
N LEU B 250 2.44 -0.66 -14.59
CA LEU B 250 1.49 -0.97 -13.52
C LEU B 250 0.39 -1.88 -14.02
N HIS B 251 0.13 -2.97 -13.29
CA HIS B 251 -1.03 -3.80 -13.57
C HIS B 251 -1.73 -4.32 -12.32
N GLY B 252 -1.13 -4.24 -11.14
CA GLY B 252 -1.82 -4.52 -9.90
C GLY B 252 -1.84 -5.96 -9.46
N ASP B 253 -1.28 -6.89 -10.24
CA ASP B 253 -1.21 -8.28 -9.79
C ASP B 253 -0.35 -8.38 -8.54
N PRO B 254 -0.57 -9.41 -7.71
CA PRO B 254 0.10 -9.47 -6.40
C PRO B 254 1.61 -9.30 -6.45
N ASN B 255 2.27 -9.64 -7.56
CA ASN B 255 3.72 -9.44 -7.63
C ASN B 255 4.12 -7.96 -7.76
N GLN B 256 3.17 -7.02 -7.67
CA GLN B 256 3.49 -5.59 -7.63
C GLN B 256 2.97 -4.92 -6.38
N ILE B 257 2.43 -5.70 -5.43
CA ILE B 257 1.86 -5.15 -4.21
C ILE B 257 2.83 -5.38 -3.06
N TRP B 258 3.12 -4.31 -2.31
CA TRP B 258 4.00 -4.37 -1.16
C TRP B 258 3.30 -3.74 0.04
N LEU B 259 3.95 -3.82 1.19
CA LEU B 259 3.39 -3.24 2.41
C LEU B 259 4.51 -2.98 3.43
N PRO B 260 4.64 -1.75 3.92
CA PRO B 260 5.66 -1.44 4.93
C PRO B 260 5.17 -1.83 6.32
N LEU B 261 5.88 -2.74 6.97
CA LEU B 261 5.57 -3.12 8.33
C LEU B 261 6.35 -2.25 9.32
N PHE B 262 5.89 -2.25 10.57
CA PHE B 262 6.57 -1.50 11.62
C PHE B 262 7.29 -2.44 12.57
N ALA C 1 -2.35 -34.41 -2.06
CA ALA C 1 -2.48 -33.20 -2.87
C ALA C 1 -2.87 -33.56 -4.30
N GLN C 2 -3.77 -32.79 -4.89
CA GLN C 2 -4.04 -32.90 -6.32
C GLN C 2 -4.12 -31.53 -6.96
N VAL C 3 -2.95 -31.05 -7.35
CA VAL C 3 -2.77 -30.01 -8.34
C VAL C 3 -1.69 -30.53 -9.28
N GLN C 4 -1.91 -30.37 -10.59
CA GLN C 4 -1.02 -31.02 -11.55
C GLN C 4 -1.04 -30.28 -12.86
N LEU C 5 0.12 -30.22 -13.50
CA LEU C 5 0.30 -29.62 -14.82
C LEU C 5 0.63 -30.70 -15.84
N VAL C 6 0.04 -30.60 -17.02
CA VAL C 6 0.30 -31.52 -18.13
C VAL C 6 0.76 -30.67 -19.31
N GLU C 7 2.08 -30.58 -19.50
CA GLU C 7 2.59 -29.96 -20.71
C GLU C 7 2.34 -30.87 -21.91
N SER C 8 2.34 -30.27 -23.08
CA SER C 8 2.12 -31.02 -24.32
C SER C 8 2.50 -30.14 -25.49
N GLY C 9 2.86 -30.78 -26.60
CA GLY C 9 3.03 -30.09 -27.86
C GLY C 9 4.46 -29.97 -28.37
N GLY C 10 5.45 -30.41 -27.60
CA GLY C 10 6.80 -30.39 -28.10
C GLY C 10 7.00 -31.33 -29.27
N GLY C 11 8.02 -31.05 -30.07
CA GLY C 11 8.29 -31.90 -31.22
C GLY C 11 9.66 -31.59 -31.78
N LEU C 12 9.95 -32.23 -32.92
CA LEU C 12 11.20 -32.02 -33.63
C LEU C 12 10.94 -31.10 -34.82
N VAL C 13 11.61 -29.95 -34.83
CA VAL C 13 11.46 -28.95 -35.88
C VAL C 13 12.84 -28.44 -36.25
N GLN C 14 12.91 -27.79 -37.41
CA GLN C 14 14.14 -27.26 -37.96
C GLN C 14 14.14 -25.73 -37.94
N PRO C 15 15.32 -25.08 -38.05
CA PRO C 15 15.38 -23.64 -37.81
C PRO C 15 14.43 -22.85 -38.68
N GLY C 16 13.93 -21.75 -38.12
CA GLY C 16 12.87 -20.97 -38.74
C GLY C 16 11.48 -21.51 -38.53
N GLY C 17 11.35 -22.70 -37.95
CA GLY C 17 10.04 -23.31 -37.74
C GLY C 17 9.30 -22.72 -36.56
N SER C 18 8.14 -23.29 -36.28
CA SER C 18 7.24 -22.79 -35.25
C SER C 18 6.55 -23.94 -34.54
N LEU C 19 6.29 -23.74 -33.25
CA LEU C 19 5.55 -24.69 -32.43
C LEU C 19 4.80 -23.94 -31.34
N ARG C 20 3.66 -24.49 -30.93
CA ARG C 20 2.91 -23.97 -29.80
C ARG C 20 2.88 -25.01 -28.69
N LEU C 21 3.42 -24.67 -27.53
CA LEU C 21 3.36 -25.53 -26.37
C LEU C 21 2.14 -25.18 -25.54
N SER C 22 1.52 -26.19 -24.94
CA SER C 22 0.35 -25.97 -24.10
C SER C 22 0.50 -26.78 -22.83
N CYS C 23 0.14 -26.17 -21.71
CA CYS C 23 0.08 -26.84 -20.42
C CYS C 23 -1.32 -26.65 -19.84
N VAL C 24 -1.93 -27.75 -19.43
CA VAL C 24 -3.30 -27.74 -18.91
C VAL C 24 -3.24 -28.01 -17.41
N ALA C 25 -3.82 -27.12 -16.64
CA ALA C 25 -3.82 -27.21 -15.18
C ALA C 25 -5.10 -27.84 -14.66
N SER C 26 -5.02 -28.36 -13.44
CA SER C 26 -6.17 -28.98 -12.79
C SER C 26 -5.94 -28.98 -11.29
N GLY C 27 -7.04 -28.86 -10.54
CA GLY C 27 -7.00 -28.94 -9.10
C GLY C 27 -6.97 -27.62 -8.36
N PHE C 28 -6.98 -26.49 -9.07
CA PHE C 28 -6.95 -25.19 -8.41
C PHE C 28 -7.63 -24.16 -9.30
N THR C 29 -7.98 -23.03 -8.69
CA THR C 29 -8.51 -21.89 -9.43
C THR C 29 -7.44 -21.38 -10.39
N PHE C 30 -7.54 -21.77 -11.65
CA PHE C 30 -6.48 -21.44 -12.61
C PHE C 30 -6.41 -19.95 -12.88
N SER C 31 -7.55 -19.26 -12.87
CA SER C 31 -7.57 -17.84 -13.19
C SER C 31 -6.83 -17.05 -12.11
N SER C 32 -6.06 -16.04 -12.55
CA SER C 32 -5.30 -15.14 -11.70
C SER C 32 -4.03 -15.77 -11.21
N THR C 33 -3.82 -17.06 -11.48
CA THR C 33 -2.59 -17.72 -11.06
C THR C 33 -1.49 -17.45 -12.09
N PRO C 34 -0.38 -16.83 -11.70
CA PRO C 34 0.71 -16.62 -12.65
C PRO C 34 1.36 -17.94 -13.05
N MET C 35 1.67 -18.06 -14.33
CA MET C 35 2.25 -19.28 -14.88
C MET C 35 3.46 -18.90 -15.72
N ASN C 36 4.57 -19.63 -15.52
CA ASN C 36 5.82 -19.34 -16.19
C ASN C 36 6.31 -20.58 -16.93
N TRP C 37 7.09 -20.36 -17.98
CA TRP C 37 7.74 -21.42 -18.72
C TRP C 37 9.24 -21.41 -18.43
N PHE C 38 9.81 -22.59 -18.29
CA PHE C 38 11.24 -22.77 -18.12
C PHE C 38 11.74 -23.79 -19.13
N ARG C 39 13.05 -23.79 -19.37
CA ARG C 39 13.65 -24.77 -20.26
C ARG C 39 15.03 -25.15 -19.74
N GLN C 40 15.33 -26.44 -19.80
CA GLN C 40 16.61 -26.98 -19.38
C GLN C 40 17.21 -27.75 -20.56
N ALA C 41 18.27 -27.20 -21.13
CA ALA C 41 19.02 -27.91 -22.17
C ALA C 41 19.89 -28.98 -21.53
N PRO C 42 20.34 -29.97 -22.32
CA PRO C 42 21.25 -30.98 -21.78
C PRO C 42 22.52 -30.35 -21.23
N GLY C 43 22.77 -30.58 -19.95
CA GLY C 43 23.95 -30.08 -19.26
C GLY C 43 23.77 -28.74 -18.56
N LYS C 44 23.01 -27.84 -19.16
CA LYS C 44 22.85 -26.49 -18.62
C LYS C 44 21.74 -26.46 -17.56
N GLU C 45 21.60 -25.29 -16.93
CA GLU C 45 20.64 -25.10 -15.87
C GLU C 45 19.26 -24.73 -16.44
N ARG C 46 18.22 -24.98 -15.65
CA ARG C 46 16.89 -24.50 -15.99
C ARG C 46 16.90 -22.98 -16.04
N GLU C 47 16.51 -22.42 -17.18
CA GLU C 47 16.49 -20.96 -17.35
C GLU C 47 15.08 -20.49 -17.64
N PHE C 48 14.75 -19.32 -17.11
CA PHE C 48 13.44 -18.72 -17.32
C PHE C 48 13.28 -18.32 -18.77
N VAL C 49 12.08 -18.56 -19.32
CA VAL C 49 11.77 -18.24 -20.71
C VAL C 49 10.73 -17.13 -20.80
N ALA C 50 9.55 -17.34 -20.23
CA ALA C 50 8.47 -16.37 -20.29
C ALA C 50 7.49 -16.67 -19.18
N GLY C 51 6.59 -15.71 -18.94
CA GLY C 51 5.57 -15.86 -17.93
C GLY C 51 4.44 -14.87 -18.11
N VAL C 52 3.21 -15.29 -17.81
CA VAL C 52 2.02 -14.48 -18.03
C VAL C 52 1.37 -14.21 -16.67
N GLY C 53 0.84 -13.00 -16.52
CA GLY C 53 0.09 -12.62 -15.33
C GLY C 53 -1.36 -13.07 -15.39
N SER C 54 -2.23 -12.29 -14.75
CA SER C 54 -3.65 -12.63 -14.74
C SER C 54 -4.27 -12.40 -16.11
N ARG C 55 -3.82 -11.37 -16.83
CA ARG C 55 -4.25 -11.09 -18.18
C ARG C 55 -3.09 -11.34 -19.15
N ASN C 56 -3.43 -11.48 -20.43
CA ASN C 56 -2.39 -11.54 -21.44
C ASN C 56 -1.70 -10.20 -21.64
N ASP C 57 -2.29 -9.12 -21.11
CA ASP C 57 -1.57 -7.85 -21.00
C ASP C 57 -0.23 -8.03 -20.31
N ILE C 58 -0.18 -8.88 -19.28
CA ILE C 58 0.95 -8.99 -18.38
C ILE C 58 1.82 -10.16 -18.83
N ALA C 59 3.02 -9.86 -19.29
CA ALA C 59 3.92 -10.90 -19.79
C ALA C 59 5.37 -10.49 -19.56
N TYR C 60 6.17 -11.41 -19.05
CA TYR C 60 7.60 -11.19 -18.83
C TYR C 60 8.38 -12.15 -19.72
N TYR C 61 9.42 -11.63 -20.37
CA TYR C 61 10.19 -12.41 -21.34
C TYR C 61 11.68 -12.30 -21.04
N ALA C 62 12.39 -13.41 -21.18
CA ALA C 62 13.83 -13.39 -21.14
C ALA C 62 14.38 -12.74 -22.40
N ASP C 63 15.57 -12.15 -22.29
CA ASP C 63 16.18 -11.46 -23.43
C ASP C 63 16.41 -12.41 -24.61
N SER C 64 16.70 -13.68 -24.32
CA SER C 64 17.04 -14.63 -25.37
C SER C 64 15.93 -14.81 -26.40
N VAL C 65 14.69 -14.43 -26.07
CA VAL C 65 13.53 -14.97 -26.75
C VAL C 65 12.54 -13.87 -27.13
N LYS C 66 12.89 -12.62 -26.82
CA LYS C 66 11.99 -11.51 -27.11
C LYS C 66 11.68 -11.42 -28.61
N GLY C 67 10.46 -11.00 -28.93
CA GLY C 67 10.06 -10.83 -30.31
C GLY C 67 9.87 -12.11 -31.09
N ARG C 68 9.94 -13.27 -30.43
CA ARG C 68 9.80 -14.56 -31.11
C ARG C 68 8.72 -15.41 -30.47
N PHE C 69 8.79 -15.58 -29.15
CA PHE C 69 7.79 -16.37 -28.44
C PHE C 69 6.72 -15.46 -27.85
N THR C 70 5.58 -16.07 -27.55
CA THR C 70 4.46 -15.37 -26.91
C THR C 70 3.87 -16.28 -25.85
N VAL C 71 3.89 -15.84 -24.60
CA VAL C 71 3.21 -16.56 -23.54
C VAL C 71 1.74 -16.14 -23.54
N SER C 72 0.85 -17.10 -23.35
CA SER C 72 -0.58 -16.86 -23.51
C SER C 72 -1.35 -17.60 -22.43
N ARG C 73 -2.60 -17.19 -22.23
CA ARG C 73 -3.45 -17.77 -21.19
C ARG C 73 -4.88 -17.84 -21.68
N ASP C 74 -5.53 -18.98 -21.45
CA ASP C 74 -6.95 -19.16 -21.76
C ASP C 74 -7.63 -19.66 -20.48
N ASP C 75 -8.19 -18.73 -19.71
CA ASP C 75 -8.76 -19.10 -18.41
C ASP C 75 -9.90 -20.10 -18.55
N ALA C 76 -10.66 -20.04 -19.65
CA ALA C 76 -11.79 -20.94 -19.81
C ALA C 76 -11.35 -22.39 -19.97
N LYS C 77 -10.20 -22.63 -20.58
CA LYS C 77 -9.71 -23.99 -20.81
C LYS C 77 -8.67 -24.43 -19.80
N ASN C 78 -8.33 -23.58 -18.82
CA ASN C 78 -7.29 -23.89 -17.83
C ASN C 78 -5.98 -24.25 -18.53
N THR C 79 -5.55 -23.37 -19.42
CA THR C 79 -4.43 -23.67 -20.30
C THR C 79 -3.48 -22.48 -20.40
N VAL C 80 -2.19 -22.76 -20.34
CA VAL C 80 -1.13 -21.79 -20.63
C VAL C 80 -0.51 -22.17 -21.97
N TYR C 81 -0.27 -21.18 -22.81
CA TYR C 81 0.36 -21.38 -24.11
C TYR C 81 1.73 -20.73 -24.15
N LEU C 82 2.62 -21.33 -24.93
CA LEU C 82 3.91 -20.73 -25.28
C LEU C 82 4.06 -20.88 -26.79
N GLN C 83 3.56 -19.90 -27.53
CA GLN C 83 3.77 -19.87 -28.98
C GLN C 83 5.25 -19.64 -29.25
N MET C 84 5.87 -20.54 -30.02
CA MET C 84 7.30 -20.47 -30.31
C MET C 84 7.48 -20.29 -31.80
N ASN C 85 7.91 -19.11 -32.21
CA ASN C 85 8.14 -18.77 -33.61
C ASN C 85 9.62 -18.54 -33.87
N SER C 86 10.02 -18.70 -35.14
CA SER C 86 11.39 -18.45 -35.58
C SER C 86 12.39 -19.24 -34.73
N LEU C 87 12.13 -20.53 -34.59
CA LEU C 87 12.91 -21.36 -33.70
C LEU C 87 14.35 -21.51 -34.19
N LYS C 88 15.26 -21.64 -33.23
CA LYS C 88 16.69 -21.71 -33.45
C LYS C 88 17.25 -22.95 -32.77
N PRO C 89 18.46 -23.38 -33.13
CA PRO C 89 19.07 -24.51 -32.43
C PRO C 89 19.29 -24.26 -30.94
N GLU C 90 19.42 -23.00 -30.52
CA GLU C 90 19.64 -22.69 -29.13
C GLU C 90 18.41 -22.94 -28.25
N ASP C 91 17.24 -23.14 -28.87
CA ASP C 91 16.00 -23.32 -28.12
C ASP C 91 15.72 -24.78 -27.77
N THR C 92 16.65 -25.69 -28.07
CA THR C 92 16.43 -27.11 -27.79
C THR C 92 16.51 -27.38 -26.29
N GLY C 93 15.51 -28.05 -25.77
CA GLY C 93 15.49 -28.41 -24.36
C GLY C 93 14.12 -28.89 -23.96
N VAL C 94 14.04 -29.37 -22.73
CA VAL C 94 12.77 -29.76 -22.13
C VAL C 94 12.11 -28.52 -21.56
N TYR C 95 10.88 -28.25 -21.98
CA TYR C 95 10.16 -27.04 -21.59
C TYR C 95 9.16 -27.37 -20.49
N TYR C 96 9.35 -26.76 -19.33
CA TYR C 96 8.51 -27.00 -18.17
C TYR C 96 7.62 -25.80 -17.91
N CYS C 97 6.36 -26.06 -17.55
CA CYS C 97 5.45 -25.05 -17.06
C CYS C 97 5.44 -25.10 -15.53
N LYS C 98 5.43 -23.92 -14.91
CA LYS C 98 5.57 -23.85 -13.46
C LYS C 98 4.57 -22.86 -12.87
N ARG C 99 3.97 -23.25 -11.74
CA ARG C 99 3.27 -22.32 -10.87
C ARG C 99 4.21 -21.90 -9.75
N PRO C 100 4.71 -20.67 -9.74
CA PRO C 100 5.67 -20.27 -8.71
C PRO C 100 5.03 -20.11 -7.35
N ALA C 101 5.86 -20.06 -6.32
CA ALA C 101 5.37 -20.03 -4.95
C ALA C 101 6.41 -19.37 -4.05
N GLY C 102 6.02 -19.13 -2.79
CA GLY C 102 6.92 -18.51 -1.84
C GLY C 102 8.01 -19.43 -1.34
N ARG C 103 7.65 -20.68 -1.08
CA ARG C 103 8.62 -21.70 -0.71
C ARG C 103 8.78 -22.68 -1.87
N ILE C 104 9.98 -23.24 -1.98
CA ILE C 104 10.30 -24.07 -3.13
C ILE C 104 9.50 -25.37 -3.11
N GLU C 105 9.09 -25.84 -1.92
CA GLU C 105 8.32 -27.07 -1.86
C GLU C 105 6.91 -26.90 -2.41
N ASP C 106 6.39 -25.66 -2.41
CA ASP C 106 5.09 -25.39 -3.01
C ASP C 106 5.21 -25.04 -4.49
N GLU C 107 6.41 -25.04 -5.06
CA GLU C 107 6.55 -24.89 -6.50
C GLU C 107 5.91 -26.08 -7.21
N LEU C 108 5.42 -25.82 -8.42
CA LEU C 108 4.56 -26.76 -9.11
C LEU C 108 5.02 -26.89 -10.56
N TRP C 109 5.58 -28.04 -10.90
CA TRP C 109 6.05 -28.30 -12.25
C TRP C 109 5.21 -29.37 -12.91
N GLY C 110 5.23 -29.37 -14.24
CA GLY C 110 4.78 -30.50 -15.02
C GLY C 110 5.95 -31.40 -15.36
N GLN C 111 5.68 -32.37 -16.24
CA GLN C 111 6.71 -33.30 -16.65
C GLN C 111 7.51 -32.82 -17.85
N GLY C 112 7.12 -31.71 -18.47
CA GLY C 112 7.87 -31.11 -19.54
C GLY C 112 7.65 -31.81 -20.88
N THR C 113 8.04 -31.11 -21.94
CA THR C 113 7.99 -31.65 -23.29
C THR C 113 9.29 -31.29 -24.00
N GLN C 114 9.72 -32.19 -24.88
CA GLN C 114 11.01 -32.05 -25.56
C GLN C 114 10.85 -31.21 -26.83
N VAL C 115 11.73 -30.24 -26.99
CA VAL C 115 11.82 -29.43 -28.20
C VAL C 115 13.23 -29.59 -28.76
N THR C 116 13.33 -29.90 -30.04
CA THR C 116 14.60 -30.16 -30.69
C THR C 116 14.77 -29.22 -31.88
N VAL C 117 15.88 -28.49 -31.91
CA VAL C 117 16.28 -27.62 -33.02
C VAL C 117 15.14 -26.71 -33.50
C1 NAG D . -22.96 -12.44 -2.74
C2 NAG D . -22.78 -11.65 -4.06
C3 NAG D . -24.13 -11.30 -4.71
C4 NAG D . -25.04 -12.54 -4.77
C5 NAG D . -25.15 -13.20 -3.39
C6 NAG D . -25.93 -14.52 -3.41
C7 NAG D . -20.84 -10.17 -4.56
C8 NAG D . -20.19 -8.85 -4.20
N2 NAG D . -21.99 -10.44 -3.87
O3 NAG D . -23.93 -10.77 -6.02
O4 NAG D . -26.30 -12.12 -5.29
O5 NAG D . -23.83 -13.55 -2.93
O6 NAG D . -25.18 -15.58 -4.01
O7 NAG D . -20.38 -10.93 -5.40
C1 FUC D . -23.97 -9.31 -6.02
C2 FUC D . -23.41 -8.79 -7.37
C3 FUC D . -24.39 -8.97 -8.55
C4 FUC D . -25.86 -8.64 -8.20
C5 FUC D . -26.26 -9.16 -6.81
C6 FUC D . -27.56 -8.55 -6.32
O2 FUC D . -22.14 -9.38 -7.67
O3 FUC D . -24.01 -8.09 -9.62
O4 FUC D . -26.10 -7.24 -8.29
O5 FUC D . -25.28 -8.84 -5.80
C1 NAG D . -26.57 -12.84 -6.50
C2 NAG D . -28.07 -12.78 -6.79
C3 NAG D . -28.39 -13.47 -8.12
C4 NAG D . -27.53 -12.89 -9.23
C5 NAG D . -26.05 -12.97 -8.85
C6 NAG D . -25.14 -12.34 -9.87
C7 NAG D . -29.55 -12.70 -4.82
C8 NAG D . -29.56 -11.21 -5.00
N2 NAG D . -28.83 -13.40 -5.71
O3 NAG D . -29.77 -13.29 -8.43
O4 NAG D . -27.74 -13.63 -10.44
O5 NAG D . -25.84 -12.28 -7.61
O6 NAG D . -24.03 -13.17 -10.17
O7 NAG D . -30.18 -13.25 -3.93
C1 NAG E . 2.70 14.60 -8.46
C2 NAG E . 2.28 13.95 -9.79
C3 NAG E . 1.69 15.01 -10.71
C4 NAG E . 0.52 15.73 -10.05
C5 NAG E . 0.97 16.30 -8.70
C6 NAG E . -0.18 16.86 -7.86
C7 NAG E . 3.52 11.97 -10.63
C8 NAG E . 4.72 11.54 -11.45
N2 NAG E . 3.36 13.32 -10.53
O3 NAG E . 1.31 14.40 -11.94
O4 NAG E . 0.18 16.74 -10.99
O5 NAG E . 1.57 15.28 -7.89
O6 NAG E . -0.54 15.97 -6.78
O7 NAG E . 2.75 11.17 -10.10
C1 NAG E . -1.23 16.80 -11.26
C2 NAG E . -1.42 18.00 -12.18
C3 NAG E . -2.88 18.17 -12.59
C4 NAG E . -3.44 16.86 -13.13
C5 NAG E . -3.15 15.71 -12.15
C6 NAG E . -3.59 14.36 -12.68
C7 NAG E . -1.36 19.75 -10.43
C8 NAG E . -0.70 21.03 -9.98
N2 NAG E . -0.91 19.23 -11.58
O3 NAG E . -2.94 19.20 -13.56
O4 NAG E . -4.85 16.93 -13.31
O5 NAG E . -1.74 15.64 -11.89
O6 NAG E . -2.57 13.75 -13.47
O7 NAG E . -2.27 19.23 -9.79
C1 BMA E . -5.22 17.66 -14.50
C2 BMA E . -6.26 16.88 -15.34
C3 BMA E . -6.68 17.74 -16.54
C4 BMA E . -7.04 19.19 -16.14
C5 BMA E . -5.95 19.81 -15.24
C6 BMA E . -6.32 21.18 -14.69
O2 BMA E . -7.42 16.61 -14.57
O3 BMA E . -7.76 17.15 -17.25
O4 BMA E . -7.18 19.99 -17.31
O5 BMA E . -5.74 18.93 -14.13
O6 BMA E . -7.16 20.99 -13.55
C1 NAG F . 7.43 21.06 15.08
C2 NAG F . 5.96 21.39 15.42
C3 NAG F . 5.80 22.88 15.72
C4 NAG F . 6.84 23.43 16.68
C5 NAG F . 8.25 22.98 16.23
C6 NAG F . 9.34 23.34 17.25
C7 NAG F . 3.95 20.25 14.46
C8 NAG F . 3.13 20.09 13.19
N2 NAG F . 5.03 21.08 14.34
O3 NAG F . 4.47 23.07 16.22
O4 NAG F . 6.74 24.84 16.61
O5 NAG F . 8.29 21.57 16.10
O6 NAG F . 8.87 23.20 18.60
O7 NAG F . 3.66 19.68 15.51
C1 NAG F . 6.09 25.38 17.76
C2 NAG F . 6.46 26.85 17.88
C3 NAG F . 5.72 27.50 19.04
C4 NAG F . 4.23 27.23 18.98
C5 NAG F . 3.99 25.72 18.83
C6 NAG F . 2.53 25.35 18.66
C7 NAG F . 8.67 27.74 17.24
C8 NAG F . 7.96 28.43 16.10
N2 NAG F . 7.90 27.01 18.05
O3 NAG F . 5.96 28.91 19.01
O4 NAG F . 3.60 27.70 20.16
O5 NAG F . 4.68 25.23 17.68
O6 NAG F . 2.32 24.67 17.43
O7 NAG F . 9.88 27.85 17.40
C1 BMA F . 2.53 28.61 19.82
C2 BMA F . 1.41 28.45 20.89
C3 BMA F . 0.27 29.43 20.61
C4 BMA F . 0.80 30.87 20.40
C5 BMA F . 1.93 30.88 19.34
C6 BMA F . 2.55 32.26 19.15
O2 BMA F . 1.91 28.74 22.18
O3 BMA F . -0.70 29.41 21.65
O4 BMA F . -0.26 31.70 19.96
O5 BMA F . 2.97 29.97 19.77
O6 BMA F . 2.73 32.84 20.44
C1 GAL G . -9.35 -0.58 24.25
C2 GAL G . -9.57 0.82 24.78
C3 GAL G . -8.81 1.75 23.92
C4 GAL G . -7.32 1.44 23.99
C5 GAL G . -6.97 -0.06 24.01
C6 GAL G . -5.88 -0.32 24.99
O1 GAL G . -10.12 -1.50 24.98
O2 GAL G . -10.96 1.23 24.78
O3 GAL G . -8.90 3.08 24.39
O4 GAL G . -6.74 2.26 25.02
O5 GAL G . -7.99 -0.96 24.43
O6 GAL G . -6.49 -0.36 26.24
C1 EDO H . -34.83 -1.11 16.01
O1 EDO H . -35.07 -0.82 14.63
C2 EDO H . -35.13 -2.58 16.30
O2 EDO H . -35.15 -2.79 17.72
C1 EDO I . -12.11 -4.96 30.53
O1 EDO I . -12.24 -3.78 29.73
C2 EDO I . -10.82 -5.64 30.14
O2 EDO I . -10.52 -6.63 31.12
ZN ZN J . -37.44 5.98 7.45
CL CL K . 5.98 12.43 9.06
CL CL L . -31.95 5.07 24.23
CL CL M . -39.19 2.02 7.52
CL CL N . -33.51 9.71 1.19
CL CL O . -15.42 8.27 13.62
C1 GAL P . 24.96 28.13 12.06
C2 GAL P . 23.44 27.89 12.01
C3 GAL P . 23.12 26.62 11.21
C4 GAL P . 23.76 26.70 9.82
C5 GAL P . 25.25 27.00 9.99
C6 GAL P . 26.04 27.18 8.68
O1 GAL P . 25.27 29.32 12.73
O2 GAL P . 22.87 27.72 13.30
O3 GAL P . 21.72 26.47 11.03
O4 GAL P . 23.15 27.73 9.07
O5 GAL P . 25.47 28.20 10.74
O6 GAL P . 25.20 27.59 7.62
CL CL Q . 12.63 39.49 -5.73
#